data_4QXF
#
_entry.id   4QXF
#
_cell.length_a   44.867
_cell.length_b   137.913
_cell.length_c   82.560
_cell.angle_alpha   90.00
_cell.angle_beta   100.13
_cell.angle_gamma   90.00
#
_symmetry.space_group_name_H-M   'P 1 21 1'
#
loop_
_entity.id
_entity.type
_entity.pdbx_description
1 polymer 'Leucine-rich repeat-containing G-protein coupled receptor 4, Variable lymphocyte receptor B'
2 polymer R-spondin-1
3 water water
#
loop_
_entity_poly.entity_id
_entity_poly.type
_entity_poly.pdbx_seq_one_letter_code
_entity_poly.pdbx_strand_id
1 'polypeptide(L)'
;MDPLCAAPCSCDGDRRVDCSGKGLTAVPEGLSAFTQALDISMNNITQLPEGAFKNFPFLEELQLAGNDLSFIHPKALSGL
KELKVLTLQNNQLKTVPSEAIRGLSALQSLRLDANHITSVPEDSFEGLVQLRHLWLDDNSLTEVPVHPLSNLPTLQALTL
ALNKISSIPDFAFTNLSSLVVLHLHNNKIRSLSQHCFDGLDNLETLDLNYNNLGEFPQAIKALPSLKELALDTNQLKSVP
DGIFDRLTSLQKIWLHTNPWDCSCPRIDYLSRWLNKNSQKEQGSAKCSGSGKPVRSIICPT
;
A,B
2 'polypeptide(L)'
;AEGSQACAKGCELCSEVNGCLKCSPKLFILLERNDIRQVGVCLPSCPPGYFDARNPDMNKCIKCKIEHCEACFSHNFCTK
CKEGLYLHKGRCYPACPEGSSA
;
E,C
#
# COMPACT_ATOMS: atom_id res chain seq x y z
N MET A 1 -25.23 45.85 37.55
CA MET A 1 -26.43 44.96 37.64
C MET A 1 -26.07 43.54 37.24
N ASP A 2 -25.35 42.87 38.15
CA ASP A 2 -25.00 41.47 37.97
C ASP A 2 -25.65 40.68 39.08
N PRO A 3 -26.88 40.18 38.84
CA PRO A 3 -27.56 39.40 39.86
C PRO A 3 -26.79 38.14 40.26
N LEU A 4 -26.03 37.58 39.31
CA LEU A 4 -25.29 36.34 39.54
C LEU A 4 -23.77 36.52 39.50
N CYS A 5 -23.26 37.48 40.27
CA CYS A 5 -21.82 37.75 40.25
C CYS A 5 -21.22 37.88 41.64
N ALA A 6 -19.93 38.19 41.66
CA ALA A 6 -19.20 38.46 42.89
C ALA A 6 -18.04 39.39 42.56
N ALA A 7 -17.73 40.30 43.49
CA ALA A 7 -16.59 41.19 43.36
C ALA A 7 -15.29 40.40 43.18
N PRO A 8 -14.36 40.90 42.35
CA PRO A 8 -14.45 42.11 41.52
C PRO A 8 -14.66 41.80 40.04
N CYS A 9 -15.30 40.67 39.74
CA CYS A 9 -15.57 40.25 38.37
C CYS A 9 -16.80 40.93 37.78
N SER A 10 -16.93 40.85 36.46
CA SER A 10 -18.16 41.22 35.77
C SER A 10 -18.81 39.99 35.16
N CYS A 11 -20.15 40.04 35.05
CA CYS A 11 -20.98 38.96 34.54
C CYS A 11 -21.93 39.49 33.44
N ASP A 12 -21.51 39.40 32.17
CA ASP A 12 -22.13 40.15 31.06
C ASP A 12 -23.50 39.68 30.52
N GLY A 13 -24.33 39.07 31.37
CA GLY A 13 -25.71 38.72 30.99
C GLY A 13 -25.88 37.61 29.95
N ASP A 14 -24.79 37.29 29.26
CA ASP A 14 -24.75 36.16 28.33
C ASP A 14 -24.03 34.98 29.02
N ARG A 15 -24.07 34.97 30.35
CA ARG A 15 -23.50 33.89 31.17
C ARG A 15 -21.97 33.76 31.01
N ARG A 16 -21.32 34.86 30.65
CA ARG A 16 -19.87 34.95 30.60
C ARG A 16 -19.38 35.76 31.79
N VAL A 17 -18.33 35.28 32.43
CA VAL A 17 -17.75 35.97 33.59
C VAL A 17 -16.32 36.40 33.27
N ASP A 18 -15.99 37.65 33.60
CA ASP A 18 -14.64 38.17 33.42
C ASP A 18 -14.02 38.59 34.76
N CYS A 19 -12.99 37.86 35.17
CA CYS A 19 -12.20 38.18 36.37
C CYS A 19 -10.71 38.39 36.03
N SER A 20 -10.41 38.73 34.79
CA SER A 20 -9.01 38.81 34.36
C SER A 20 -8.37 40.09 34.87
N GLY A 21 -7.07 40.02 35.17
CA GLY A 21 -6.30 41.19 35.61
C GLY A 21 -6.69 41.78 36.96
N LYS A 22 -7.11 40.93 37.89
CA LYS A 22 -7.61 41.40 39.17
C LYS A 22 -6.70 41.10 40.37
N GLY A 23 -5.51 40.56 40.10
CA GLY A 23 -4.58 40.16 41.17
C GLY A 23 -5.04 38.96 42.00
N LEU A 24 -5.90 38.11 41.43
CA LEU A 24 -6.46 36.96 42.17
C LEU A 24 -5.47 35.82 42.39
N THR A 25 -5.56 35.16 43.54
CA THR A 25 -4.74 33.98 43.83
C THR A 25 -5.55 32.68 43.79
N ALA A 26 -6.86 32.82 43.57
CA ALA A 26 -7.75 31.67 43.56
C ALA A 26 -8.99 31.98 42.75
N VAL A 27 -9.74 30.94 42.40
CA VAL A 27 -11.05 31.14 41.79
C VAL A 27 -11.96 31.80 42.83
N PRO A 28 -12.55 32.96 42.47
CA PRO A 28 -13.41 33.70 43.39
C PRO A 28 -14.63 32.90 43.81
N GLU A 29 -15.04 33.09 45.05
CA GLU A 29 -16.19 32.38 45.59
C GLU A 29 -17.47 33.16 45.33
N GLY A 30 -18.57 32.44 45.20
CA GLY A 30 -19.89 33.05 44.97
C GLY A 30 -20.24 33.32 43.51
N LEU A 31 -19.60 32.63 42.58
CA LEU A 31 -19.97 32.73 41.17
C LEU A 31 -21.11 31.77 40.84
N SER A 32 -21.91 32.14 39.85
CA SER A 32 -23.12 31.41 39.51
C SER A 32 -22.84 30.08 38.80
N ALA A 33 -23.69 29.10 39.09
CA ALA A 33 -23.66 27.80 38.44
C ALA A 33 -24.22 27.85 37.01
N PHE A 34 -24.82 28.98 36.65
CA PHE A 34 -25.24 29.26 35.27
C PHE A 34 -24.07 29.57 34.32
N THR A 35 -22.90 29.87 34.89
CA THR A 35 -21.71 30.32 34.13
C THR A 35 -21.29 29.38 32.99
N GLN A 36 -21.14 29.95 31.81
CA GLN A 36 -20.72 29.18 30.62
C GLN A 36 -19.28 29.48 30.19
N ALA A 37 -18.80 30.67 30.54
CA ALA A 37 -17.43 31.05 30.20
C ALA A 37 -16.81 31.80 31.38
N LEU A 38 -15.57 31.42 31.69
CA LEU A 38 -14.85 32.04 32.79
C LEU A 38 -13.47 32.49 32.34
N ASP A 39 -13.25 33.80 32.42
CA ASP A 39 -11.96 34.40 32.09
C ASP A 39 -11.27 34.84 33.36
N ILE A 40 -10.30 34.03 33.80
CA ILE A 40 -9.48 34.34 34.96
C ILE A 40 -8.00 34.47 34.61
N SER A 41 -7.72 34.80 33.36
CA SER A 41 -6.35 35.04 32.90
C SER A 41 -5.73 36.30 33.54
N MET A 42 -4.41 36.42 33.45
CA MET A 42 -3.67 37.60 33.93
C MET A 42 -3.87 37.86 35.42
N ASN A 43 -3.94 36.79 36.20
CA ASN A 43 -3.99 36.92 37.65
C ASN A 43 -2.74 36.30 38.27
N ASN A 44 -2.79 35.95 39.54
CA ASN A 44 -1.66 35.29 40.19
C ASN A 44 -2.03 33.95 40.80
N ILE A 45 -2.71 33.12 40.02
CA ILE A 45 -3.06 31.78 40.46
C ILE A 45 -1.87 30.85 40.17
N THR A 46 -1.18 30.44 41.23
CA THR A 46 -0.03 29.57 41.06
C THR A 46 -0.39 28.08 41.22
N GLN A 47 -1.54 27.80 41.84
CA GLN A 47 -1.97 26.45 42.13
C GLN A 47 -3.48 26.32 41.98
N LEU A 48 -3.92 25.21 41.40
CA LEU A 48 -5.35 24.92 41.33
C LEU A 48 -5.64 23.70 42.20
N PRO A 49 -6.45 23.87 43.26
CA PRO A 49 -6.75 22.74 44.14
C PRO A 49 -7.89 21.87 43.61
N GLU A 50 -8.12 20.73 44.27
CA GLU A 50 -9.23 19.84 43.94
C GLU A 50 -10.57 20.57 43.96
N GLY A 51 -11.42 20.26 42.98
CA GLY A 51 -12.77 20.82 42.91
C GLY A 51 -12.83 22.33 42.79
N ALA A 52 -11.79 22.92 42.22
CA ALA A 52 -11.74 24.36 42.01
C ALA A 52 -12.89 24.83 41.11
N PHE A 53 -13.39 23.94 40.26
CA PHE A 53 -14.46 24.32 39.32
C PHE A 53 -15.73 23.49 39.50
N LYS A 54 -15.85 22.88 40.68
CA LYS A 54 -16.97 22.00 41.03
C LYS A 54 -18.37 22.62 40.84
N ASN A 55 -18.48 23.92 41.05
CA ASN A 55 -19.78 24.58 40.97
C ASN A 55 -20.09 25.14 39.56
N PHE A 56 -19.30 24.73 38.56
CA PHE A 56 -19.53 25.19 37.19
C PHE A 56 -19.80 24.04 36.19
N PRO A 57 -20.89 23.29 36.38
CA PRO A 57 -21.10 22.12 35.52
C PRO A 57 -21.37 22.41 34.03
N PHE A 58 -21.86 23.61 33.70
CA PHE A 58 -22.10 23.99 32.29
C PHE A 58 -21.00 24.86 31.68
N LEU A 59 -19.83 24.89 32.32
CA LEU A 59 -18.71 25.68 31.82
C LEU A 59 -18.24 25.17 30.45
N GLU A 60 -18.18 26.06 29.46
CA GLU A 60 -17.75 25.72 28.11
C GLU A 60 -16.35 26.27 27.74
N GLU A 61 -15.93 27.30 28.45
CA GLU A 61 -14.73 28.05 28.10
C GLU A 61 -14.05 28.49 29.39
N LEU A 62 -12.78 28.11 29.55
CA LEU A 62 -12.02 28.46 30.74
C LEU A 62 -10.66 29.04 30.34
N GLN A 63 -10.45 30.31 30.70
CA GLN A 63 -9.24 31.04 30.35
C GLN A 63 -8.32 31.22 31.55
N LEU A 64 -7.19 30.52 31.52
CA LEU A 64 -6.24 30.54 32.64
C LEU A 64 -4.85 31.10 32.27
N ALA A 65 -4.73 31.63 31.06
CA ALA A 65 -3.47 32.17 30.54
C ALA A 65 -2.91 33.27 31.45
N GLY A 66 -1.59 33.40 31.44
CA GLY A 66 -0.91 34.51 32.10
C GLY A 66 -1.00 34.52 33.61
N ASN A 67 -1.24 33.38 34.21
CA ASN A 67 -1.16 33.29 35.64
C ASN A 67 0.29 32.91 35.89
N ASP A 68 0.62 32.29 37.01
CA ASP A 68 1.94 31.64 37.09
C ASP A 68 1.70 30.22 37.60
N LEU A 69 0.82 29.53 36.89
CA LEU A 69 0.35 28.23 37.29
C LEU A 69 1.45 27.19 37.17
N SER A 70 1.74 26.53 38.28
CA SER A 70 2.76 25.48 38.29
C SER A 70 2.24 24.18 38.89
N PHE A 71 1.04 24.20 39.46
CA PHE A 71 0.48 22.96 39.96
C PHE A 71 -1.01 22.85 39.71
N ILE A 72 -1.40 21.79 39.02
CA ILE A 72 -2.81 21.49 38.81
C ILE A 72 -3.12 20.17 39.49
N HIS A 73 -3.98 20.22 40.49
CA HIS A 73 -4.42 19.02 41.21
C HIS A 73 -5.08 18.09 40.20
N PRO A 74 -4.73 16.79 40.23
CA PRO A 74 -5.31 15.82 39.29
C PRO A 74 -6.83 15.90 39.20
N LYS A 75 -7.48 16.43 40.25
CA LYS A 75 -8.94 16.58 40.29
C LYS A 75 -9.44 18.04 40.27
N ALA A 76 -8.56 18.98 39.91
CA ALA A 76 -8.95 20.39 39.81
C ALA A 76 -10.08 20.61 38.78
N LEU A 77 -10.05 19.82 37.71
CA LEU A 77 -10.94 20.01 36.55
C LEU A 77 -12.05 18.97 36.47
N SER A 78 -12.35 18.35 37.62
CA SER A 78 -13.39 17.33 37.72
C SER A 78 -14.78 17.94 37.48
N GLY A 79 -15.60 17.24 36.71
CA GLY A 79 -16.97 17.68 36.46
C GLY A 79 -17.13 18.68 35.33
N LEU A 80 -16.07 18.95 34.58
CA LEU A 80 -16.15 19.92 33.48
C LEU A 80 -16.42 19.23 32.14
N LYS A 81 -17.56 18.53 32.09
CA LYS A 81 -17.91 17.68 30.95
C LYS A 81 -18.34 18.46 29.71
N GLU A 82 -18.66 19.73 29.89
CA GLU A 82 -19.09 20.59 28.78
C GLU A 82 -17.97 21.44 28.21
N LEU A 83 -16.83 21.46 28.91
CA LEU A 83 -15.73 22.36 28.56
C LEU A 83 -15.18 22.09 27.15
N LYS A 84 -15.16 23.13 26.32
CA LYS A 84 -14.67 23.02 24.94
C LYS A 84 -13.31 23.70 24.73
N VAL A 85 -13.05 24.77 25.48
CA VAL A 85 -11.86 25.58 25.34
C VAL A 85 -11.14 25.70 26.68
N LEU A 86 -9.87 25.30 26.70
CA LEU A 86 -9.01 25.47 27.86
C LEU A 86 -7.71 26.16 27.44
N THR A 87 -7.49 27.36 27.94
CA THR A 87 -6.27 28.08 27.64
C THR A 87 -5.37 28.11 28.88
N LEU A 88 -4.16 27.59 28.70
CA LEU A 88 -3.15 27.54 29.78
C LEU A 88 -1.80 28.16 29.38
N GLN A 89 -1.79 28.92 28.28
CA GLN A 89 -0.54 29.55 27.80
C GLN A 89 0.03 30.54 28.80
N ASN A 90 1.32 30.84 28.69
CA ASN A 90 2.02 31.78 29.56
C ASN A 90 1.87 31.45 31.06
N ASN A 91 2.17 30.23 31.43
CA ASN A 91 2.17 29.83 32.84
C ASN A 91 3.52 29.19 33.19
N GLN A 92 3.59 28.46 34.29
CA GLN A 92 4.86 27.82 34.68
C GLN A 92 4.80 26.28 34.68
N LEU A 93 4.03 25.73 33.75
CA LEU A 93 3.92 24.27 33.62
C LEU A 93 5.25 23.66 33.14
N LYS A 94 5.64 22.54 33.75
CA LYS A 94 6.86 21.84 33.38
C LYS A 94 6.52 20.53 32.67
N THR A 95 5.28 20.09 32.85
CA THR A 95 4.76 18.83 32.36
C THR A 95 3.35 19.06 31.83
N VAL A 96 3.00 18.41 30.73
CA VAL A 96 1.62 18.39 30.26
C VAL A 96 0.78 17.76 31.39
N PRO A 97 -0.24 18.47 31.88
CA PRO A 97 -1.09 17.97 32.98
C PRO A 97 -2.06 16.87 32.51
N SER A 98 -1.49 15.72 32.14
CA SER A 98 -2.18 14.56 31.58
C SER A 98 -3.45 14.10 32.32
N GLU A 99 -3.33 13.85 33.61
CA GLU A 99 -4.45 13.31 34.39
C GLU A 99 -5.55 14.33 34.64
N ALA A 100 -5.17 15.58 34.88
CA ALA A 100 -6.13 16.62 35.21
C ALA A 100 -7.09 16.97 34.06
N ILE A 101 -6.66 16.71 32.83
CA ILE A 101 -7.48 16.99 31.64
C ILE A 101 -8.11 15.72 31.05
N ARG A 102 -7.85 14.57 31.67
CA ARG A 102 -8.31 13.27 31.18
C ARG A 102 -9.82 13.17 30.98
N GLY A 103 -10.59 13.75 31.90
CA GLY A 103 -12.04 13.67 31.82
C GLY A 103 -12.71 14.72 30.94
N LEU A 104 -11.92 15.51 30.21
CA LEU A 104 -12.46 16.61 29.39
C LEU A 104 -12.89 16.14 27.99
N SER A 105 -13.93 15.32 27.95
CA SER A 105 -14.32 14.61 26.73
C SER A 105 -14.93 15.50 25.63
N ALA A 106 -15.34 16.71 26.00
CA ALA A 106 -15.89 17.66 25.03
C ALA A 106 -14.86 18.67 24.53
N LEU A 107 -13.64 18.63 25.08
CA LEU A 107 -12.61 19.64 24.75
C LEU A 107 -12.27 19.71 23.26
N GLN A 108 -12.25 20.93 22.71
CA GLN A 108 -11.91 21.12 21.29
C GLN A 108 -10.58 21.85 21.09
N SER A 109 -10.27 22.79 22.01
CA SER A 109 -9.10 23.63 21.89
C SER A 109 -8.33 23.61 23.20
N LEU A 110 -7.05 23.30 23.11
CA LEU A 110 -6.16 23.24 24.28
C LEU A 110 -4.88 24.04 24.02
N ARG A 111 -4.69 25.12 24.76
CA ARG A 111 -3.47 25.93 24.61
C ARG A 111 -2.48 25.67 25.74
N LEU A 112 -1.34 25.07 25.39
CA LEU A 112 -0.26 24.82 26.34
C LEU A 112 1.03 25.55 25.95
N ASP A 113 0.90 26.52 25.04
CA ASP A 113 2.06 27.26 24.57
C ASP A 113 2.68 28.19 25.62
N ALA A 114 3.95 28.50 25.44
CA ALA A 114 4.66 29.46 26.30
C ALA A 114 4.60 29.07 27.77
N ASN A 115 4.79 27.79 28.04
CA ASN A 115 5.05 27.34 29.38
C ASN A 115 6.52 26.94 29.42
N HIS A 116 6.88 25.98 30.27
CA HIS A 116 8.25 25.50 30.26
C HIS A 116 8.28 23.99 30.18
N ILE A 117 7.38 23.44 29.37
CA ILE A 117 7.14 22.01 29.31
C ILE A 117 8.31 21.28 28.65
N THR A 118 8.93 20.38 29.40
CA THR A 118 10.05 19.56 28.93
C THR A 118 9.62 18.12 28.66
N SER A 119 8.48 17.73 29.21
CA SER A 119 8.04 16.34 29.05
C SER A 119 6.53 16.20 28.95
N VAL A 120 6.13 15.21 28.17
CA VAL A 120 4.72 14.87 28.05
C VAL A 120 4.55 13.39 28.37
N PRO A 121 3.90 13.09 29.51
CA PRO A 121 3.72 11.70 29.94
C PRO A 121 3.03 10.88 28.85
N GLU A 122 3.35 9.59 28.80
CA GLU A 122 2.91 8.72 27.73
C GLU A 122 1.39 8.70 27.52
N ASP A 123 0.66 8.79 28.62
CA ASP A 123 -0.80 8.73 28.60
C ASP A 123 -1.48 10.08 28.35
N SER A 124 -0.70 11.12 28.05
CA SER A 124 -1.29 12.44 27.79
C SER A 124 -2.28 12.37 26.64
N PHE A 125 -3.38 13.12 26.78
CA PHE A 125 -4.38 13.32 25.72
C PHE A 125 -5.35 12.16 25.51
N GLU A 126 -5.19 11.09 26.29
CA GLU A 126 -6.20 10.03 26.34
C GLU A 126 -7.48 10.64 26.92
N GLY A 127 -8.61 10.33 26.32
CA GLY A 127 -9.88 10.90 26.74
C GLY A 127 -10.29 12.13 25.96
N LEU A 128 -9.36 12.74 25.23
CA LEU A 128 -9.66 13.95 24.46
C LEU A 128 -10.20 13.62 23.06
N VAL A 129 -11.36 12.96 23.05
CA VAL A 129 -11.92 12.38 21.84
C VAL A 129 -12.50 13.40 20.85
N GLN A 130 -12.52 14.68 21.23
CA GLN A 130 -13.07 15.71 20.36
C GLN A 130 -12.09 16.82 20.02
N LEU A 131 -10.86 16.71 20.52
CA LEU A 131 -9.85 17.75 20.33
C LEU A 131 -9.57 18.10 18.86
N ARG A 132 -9.52 19.40 18.56
CA ARG A 132 -9.33 19.85 17.18
C ARG A 132 -8.08 20.69 17.02
N HIS A 133 -7.73 21.43 18.07
CA HIS A 133 -6.62 22.36 18.03
C HIS A 133 -5.76 22.17 19.27
N LEU A 134 -4.46 22.04 19.05
CA LEU A 134 -3.49 21.84 20.12
C LEU A 134 -2.27 22.74 19.89
N TRP A 135 -2.01 23.63 20.84
CA TRP A 135 -0.85 24.50 20.79
C TRP A 135 0.19 24.01 21.81
N LEU A 136 1.37 23.62 21.32
CA LEU A 136 2.48 23.23 22.18
C LEU A 136 3.73 24.06 21.92
N ASP A 137 3.56 25.16 21.18
CA ASP A 137 4.68 25.99 20.79
C ASP A 137 5.33 26.74 21.95
N ASP A 138 6.58 27.12 21.74
CA ASP A 138 7.34 27.89 22.72
C ASP A 138 7.41 27.18 24.09
N ASN A 139 7.80 25.91 24.06
CA ASN A 139 8.10 25.17 25.28
C ASN A 139 9.54 24.63 25.22
N SER A 140 9.84 23.55 25.92
CA SER A 140 11.18 22.98 25.89
C SER A 140 11.21 21.50 25.48
N LEU A 141 10.30 21.11 24.59
CA LEU A 141 10.26 19.73 24.10
C LEU A 141 11.48 19.44 23.25
N THR A 142 12.06 18.25 23.45
CA THR A 142 13.23 17.84 22.68
C THR A 142 12.89 16.75 21.65
N GLU A 143 11.64 16.32 21.65
CA GLU A 143 11.15 15.31 20.68
C GLU A 143 9.67 15.46 20.43
N VAL A 144 9.18 14.86 19.35
CA VAL A 144 7.73 14.75 19.12
C VAL A 144 7.15 13.73 20.10
N PRO A 145 6.02 14.07 20.78
CA PRO A 145 5.38 13.12 21.68
C PRO A 145 4.46 12.15 20.93
N VAL A 146 5.06 11.06 20.45
CA VAL A 146 4.43 10.12 19.53
C VAL A 146 3.20 9.38 20.10
N HIS A 147 3.35 8.70 21.22
CA HIS A 147 2.22 7.97 21.77
C HIS A 147 1.06 8.86 22.26
N PRO A 148 1.35 10.00 22.92
CA PRO A 148 0.27 10.91 23.26
C PRO A 148 -0.49 11.46 22.05
N LEU A 149 0.23 11.80 20.97
CA LEU A 149 -0.43 12.29 19.76
C LEU A 149 -1.27 11.22 19.06
N SER A 150 -0.94 9.95 19.27
CA SER A 150 -1.67 8.85 18.65
C SER A 150 -3.11 8.73 19.18
N ASN A 151 -3.42 9.50 20.21
CA ASN A 151 -4.75 9.49 20.81
C ASN A 151 -5.72 10.49 20.18
N LEU A 152 -5.26 11.25 19.20
CA LEU A 152 -6.02 12.40 18.69
C LEU A 152 -6.37 12.32 17.20
N PRO A 153 -7.17 11.31 16.78
CA PRO A 153 -7.57 11.24 15.36
C PRO A 153 -8.43 12.42 14.88
N THR A 154 -9.03 13.17 15.80
CA THR A 154 -9.88 14.29 15.41
C THR A 154 -9.08 15.59 15.20
N LEU A 155 -7.81 15.58 15.61
CA LEU A 155 -6.99 16.79 15.59
C LEU A 155 -6.85 17.40 14.19
N GLN A 156 -7.10 18.70 14.09
CA GLN A 156 -6.99 19.45 12.82
C GLN A 156 -5.77 20.36 12.76
N ALA A 157 -5.41 20.95 13.91
CA ALA A 157 -4.33 21.94 13.99
C ALA A 157 -3.37 21.69 15.15
N LEU A 158 -2.10 21.62 14.82
CA LEU A 158 -1.06 21.30 15.76
C LEU A 158 0.17 22.16 15.51
N THR A 159 0.66 22.84 16.56
CA THR A 159 1.96 23.50 16.49
C THR A 159 2.92 22.95 17.54
N LEU A 160 4.12 22.57 17.06
CA LEU A 160 5.24 22.19 17.92
C LEU A 160 6.41 23.13 17.71
N ALA A 161 6.12 24.26 17.09
CA ALA A 161 7.08 25.31 16.81
C ALA A 161 7.78 25.87 18.06
N LEU A 162 8.97 26.44 17.85
CA LEU A 162 9.72 27.09 18.92
C LEU A 162 9.96 26.17 20.12
N ASN A 163 10.29 24.92 19.82
CA ASN A 163 10.73 23.94 20.82
C ASN A 163 12.17 23.55 20.50
N LYS A 164 12.63 22.41 21.00
CA LYS A 164 14.01 21.98 20.79
C LYS A 164 14.10 20.62 20.12
N ILE A 165 13.24 20.38 19.14
CA ILE A 165 13.19 19.09 18.46
C ILE A 165 14.31 19.02 17.44
N SER A 166 15.05 17.90 17.44
CA SER A 166 16.22 17.74 16.57
C SER A 166 16.01 16.71 15.48
N SER A 167 15.05 15.80 15.69
CA SER A 167 14.71 14.80 14.68
C SER A 167 13.31 14.26 14.86
N ILE A 168 12.75 13.74 13.77
CA ILE A 168 11.44 13.12 13.79
C ILE A 168 11.54 11.69 13.20
N PRO A 169 11.18 10.68 14.01
CA PRO A 169 11.29 9.29 13.57
C PRO A 169 10.13 8.85 12.67
N ASP A 170 10.25 7.67 12.07
CA ASP A 170 9.19 7.08 11.25
C ASP A 170 7.87 7.00 11.99
N PHE A 171 6.78 7.32 11.28
CA PHE A 171 5.40 7.17 11.76
C PHE A 171 5.07 8.02 12.98
N ALA A 172 5.77 9.12 13.16
CA ALA A 172 5.58 10.01 14.31
C ALA A 172 4.17 10.60 14.45
N PHE A 173 3.45 10.73 13.34
CA PHE A 173 2.15 11.40 13.33
C PHE A 173 1.07 10.49 12.73
N THR A 174 1.28 9.18 12.80
CA THR A 174 0.56 8.25 11.95
C THR A 174 -0.96 8.17 12.17
N ASN A 175 -1.44 8.35 13.37
CA ASN A 175 -2.85 8.39 13.62
C ASN A 175 -3.53 9.74 13.35
N LEU A 176 -2.81 10.81 13.03
CA LEU A 176 -3.39 12.15 12.85
C LEU A 176 -4.05 12.32 11.49
N SER A 177 -5.10 11.54 11.24
CA SER A 177 -5.71 11.48 9.91
C SER A 177 -6.56 12.72 9.55
N SER A 178 -6.91 13.51 10.55
CA SER A 178 -7.72 14.70 10.31
C SER A 178 -6.87 15.98 10.25
N LEU A 179 -5.57 15.85 10.51
CA LEU A 179 -4.71 17.03 10.66
C LEU A 179 -4.60 17.82 9.36
N VAL A 180 -4.84 19.12 9.46
CA VAL A 180 -4.85 20.01 8.30
C VAL A 180 -3.61 20.90 8.28
N VAL A 181 -3.17 21.33 9.46
CA VAL A 181 -2.03 22.22 9.58
C VAL A 181 -1.07 21.71 10.65
N LEU A 182 0.21 21.69 10.29
CA LEU A 182 1.28 21.25 11.18
C LEU A 182 2.44 22.24 11.16
N HIS A 183 2.74 22.83 12.31
CA HIS A 183 3.85 23.77 12.43
C HIS A 183 5.01 23.16 13.21
N LEU A 184 6.17 23.11 12.57
CA LEU A 184 7.38 22.57 13.15
C LEU A 184 8.57 23.56 13.01
N HIS A 185 8.27 24.81 12.67
CA HIS A 185 9.29 25.82 12.45
C HIS A 185 9.98 26.23 13.74
N ASN A 186 11.16 26.83 13.62
CA ASN A 186 11.94 27.31 14.77
C ASN A 186 12.26 26.24 15.81
N ASN A 187 12.57 25.04 15.32
CA ASN A 187 13.15 23.99 16.13
C ASN A 187 14.63 23.88 15.74
N LYS A 188 15.24 22.73 15.99
CA LYS A 188 16.59 22.47 15.52
C LYS A 188 16.67 21.16 14.74
N ILE A 189 15.65 20.94 13.91
CA ILE A 189 15.55 19.68 13.18
C ILE A 189 16.63 19.57 12.10
N ARG A 190 17.47 18.55 12.26
CA ARG A 190 18.47 18.21 11.28
C ARG A 190 18.13 16.90 10.57
N SER A 191 17.39 16.03 11.24
CA SER A 191 17.10 14.70 10.71
C SER A 191 15.61 14.43 10.60
N LEU A 192 15.13 14.28 9.37
CA LEU A 192 13.77 13.82 9.16
C LEU A 192 13.86 12.42 8.54
N SER A 193 13.36 11.43 9.25
CA SER A 193 13.38 10.06 8.74
C SER A 193 12.49 10.00 7.50
N GLN A 194 12.72 8.98 6.66
CA GLN A 194 12.03 8.83 5.37
C GLN A 194 10.51 8.73 5.45
N HIS A 195 9.98 8.35 6.61
CA HIS A 195 8.55 8.04 6.74
C HIS A 195 7.92 8.74 7.95
N CYS A 196 8.49 9.87 8.33
CA CYS A 196 8.00 10.59 9.49
C CYS A 196 6.61 11.19 9.32
N PHE A 197 6.17 11.37 8.07
CA PHE A 197 4.88 12.02 7.78
C PHE A 197 3.79 11.08 7.27
N ASP A 198 4.04 9.77 7.26
CA ASP A 198 3.05 8.80 6.79
C ASP A 198 1.75 8.91 7.59
N GLY A 199 0.61 8.74 6.92
CA GLY A 199 -0.70 8.88 7.58
C GLY A 199 -1.29 10.29 7.64
N LEU A 200 -0.54 11.29 7.19
CA LEU A 200 -1.04 12.67 7.20
C LEU A 200 -1.76 13.00 5.89
N ASP A 201 -2.83 12.26 5.61
CA ASP A 201 -3.48 12.29 4.30
C ASP A 201 -4.33 13.53 4.05
N ASN A 202 -4.67 14.23 5.12
CA ASN A 202 -5.44 15.46 5.02
C ASN A 202 -4.60 16.74 5.16
N LEU A 203 -3.31 16.59 5.42
CA LEU A 203 -2.41 17.75 5.67
C LEU A 203 -2.33 18.70 4.47
N GLU A 204 -2.67 19.98 4.73
CA GLU A 204 -2.62 21.02 3.70
C GLU A 204 -1.41 21.93 3.86
N THR A 205 -1.04 22.21 5.12
CA THR A 205 -0.01 23.16 5.43
C THR A 205 1.04 22.47 6.31
N LEU A 206 2.29 22.57 5.87
CA LEU A 206 3.43 22.07 6.60
C LEU A 206 4.51 23.17 6.65
N ASP A 207 4.87 23.58 7.86
CA ASP A 207 5.88 24.59 8.04
C ASP A 207 7.14 23.98 8.68
N LEU A 208 8.24 23.99 7.93
CA LEU A 208 9.50 23.43 8.39
C LEU A 208 10.64 24.44 8.38
N ASN A 209 10.29 25.72 8.26
CA ASN A 209 11.28 26.78 8.14
C ASN A 209 12.01 27.08 9.45
N TYR A 210 13.14 27.77 9.35
CA TYR A 210 13.98 28.06 10.52
C TYR A 210 14.33 26.77 11.30
N ASN A 211 14.84 25.78 10.59
CA ASN A 211 15.39 24.59 11.23
C ASN A 211 16.85 24.42 10.82
N ASN A 212 17.37 23.20 10.89
CA ASN A 212 18.75 22.95 10.48
C ASN A 212 18.83 21.81 9.47
N LEU A 213 17.86 21.80 8.56
CA LEU A 213 17.77 20.76 7.54
C LEU A 213 18.91 20.85 6.54
N GLY A 214 19.71 19.79 6.50
CA GLY A 214 20.84 19.69 5.56
C GLY A 214 20.45 18.88 4.33
N GLU A 215 19.55 17.92 4.53
CA GLU A 215 19.06 17.06 3.46
C GLU A 215 17.60 17.35 3.21
N PHE A 216 17.22 17.37 1.95
CA PHE A 216 15.81 17.54 1.61
C PHE A 216 14.95 16.41 2.21
N PRO A 217 13.77 16.77 2.77
CA PRO A 217 12.85 15.80 3.37
C PRO A 217 12.07 14.97 2.36
N GLN A 218 12.56 13.77 2.07
CA GLN A 218 11.87 12.82 1.19
C GLN A 218 10.46 12.50 1.70
N ALA A 219 10.30 12.55 3.02
CA ALA A 219 9.04 12.23 3.68
C ALA A 219 7.82 13.01 3.17
N ILE A 220 8.06 14.16 2.54
CA ILE A 220 6.96 14.97 1.98
C ILE A 220 6.18 14.31 0.82
N LYS A 221 6.77 13.29 0.21
CA LYS A 221 6.08 12.49 -0.82
C LYS A 221 4.81 11.82 -0.32
N ALA A 222 4.70 11.61 1.00
CA ALA A 222 3.53 10.93 1.55
C ALA A 222 2.39 11.91 1.88
N LEU A 223 2.44 13.10 1.31
CA LEU A 223 1.42 14.11 1.60
C LEU A 223 0.62 14.50 0.35
N PRO A 224 -0.45 13.73 0.03
CA PRO A 224 -1.26 13.97 -1.18
C PRO A 224 -2.06 15.28 -1.16
N SER A 225 -2.40 15.76 0.03
CA SER A 225 -3.25 16.96 0.12
C SER A 225 -2.44 18.25 0.30
N LEU A 226 -1.12 18.14 0.26
CA LEU A 226 -0.24 19.27 0.59
C LEU A 226 -0.49 20.46 -0.32
N LYS A 227 -0.80 21.61 0.28
CA LYS A 227 -1.01 22.84 -0.45
C LYS A 227 0.14 23.84 -0.23
N GLU A 228 0.62 23.92 1.00
CA GLU A 228 1.60 24.92 1.41
C GLU A 228 2.78 24.28 2.15
N LEU A 229 3.97 24.48 1.60
CA LEU A 229 5.18 23.88 2.14
C LEU A 229 6.26 24.94 2.30
N ALA A 230 6.62 25.21 3.56
CA ALA A 230 7.68 26.15 3.88
C ALA A 230 8.96 25.41 4.28
N LEU A 231 10.03 25.62 3.50
CA LEU A 231 11.34 25.03 3.75
C LEU A 231 12.43 26.09 3.78
N ASP A 232 12.02 27.36 3.82
CA ASP A 232 12.96 28.48 3.87
C ASP A 232 13.79 28.49 5.16
N THR A 233 14.97 29.12 5.06
CA THR A 233 15.88 29.31 6.19
C THR A 233 16.31 27.98 6.82
N ASN A 234 16.83 27.10 5.98
CA ASN A 234 17.47 25.87 6.41
C ASN A 234 18.87 25.81 5.79
N GLN A 235 19.46 24.62 5.67
CA GLN A 235 20.77 24.46 5.03
C GLN A 235 20.69 23.54 3.80
N LEU A 236 19.65 23.73 3.00
CA LEU A 236 19.39 22.86 1.86
C LEU A 236 20.26 23.27 0.68
N LYS A 237 20.86 22.28 0.02
CA LYS A 237 21.79 22.52 -1.09
C LYS A 237 21.26 21.99 -2.43
N SER A 238 20.39 21.00 -2.34
CA SER A 238 19.85 20.32 -3.52
C SER A 238 18.53 19.63 -3.19
N VAL A 239 17.74 19.35 -4.22
CA VAL A 239 16.58 18.50 -4.07
C VAL A 239 16.80 17.24 -4.92
N PRO A 240 16.20 16.10 -4.51
CA PRO A 240 16.28 14.92 -5.36
C PRO A 240 15.42 15.12 -6.59
N ASP A 241 15.85 14.55 -7.72
CA ASP A 241 15.13 14.68 -8.99
C ASP A 241 13.74 14.06 -8.90
N GLY A 242 12.73 14.81 -9.35
CA GLY A 242 11.35 14.32 -9.39
C GLY A 242 10.57 14.36 -8.09
N ILE A 243 11.12 15.05 -7.08
CA ILE A 243 10.54 15.07 -5.74
C ILE A 243 9.12 15.68 -5.70
N PHE A 244 8.86 16.64 -6.58
CA PHE A 244 7.55 17.31 -6.67
C PHE A 244 6.59 16.69 -7.69
N ASP A 245 6.98 15.59 -8.33
CA ASP A 245 6.15 14.97 -9.38
C ASP A 245 4.73 14.63 -8.92
N ARG A 246 4.61 14.16 -7.68
CA ARG A 246 3.32 13.69 -7.18
C ARG A 246 2.61 14.67 -6.25
N LEU A 247 3.17 15.87 -6.13
CA LEU A 247 2.57 16.91 -5.31
C LEU A 247 1.71 17.84 -6.15
N THR A 248 0.69 17.27 -6.79
CA THR A 248 -0.20 17.99 -7.71
C THR A 248 -1.20 18.88 -6.98
N SER A 249 -1.13 18.89 -5.66
CA SER A 249 -1.95 19.78 -4.86
C SER A 249 -1.20 21.05 -4.46
N LEU A 250 0.13 21.06 -4.63
CA LEU A 250 0.95 22.21 -4.22
C LEU A 250 0.51 23.53 -4.87
N GLN A 251 0.33 24.54 -4.02
CA GLN A 251 -0.03 25.88 -4.46
C GLN A 251 1.06 26.90 -4.09
N LYS A 252 1.73 26.71 -2.96
CA LYS A 252 2.78 27.61 -2.49
C LYS A 252 3.94 26.83 -1.84
N ILE A 253 5.15 27.26 -2.17
CA ILE A 253 6.35 26.66 -1.61
C ILE A 253 7.38 27.76 -1.33
N TRP A 254 7.98 27.73 -0.14
CA TRP A 254 9.01 28.68 0.23
C TRP A 254 10.35 27.95 0.25
N LEU A 255 11.28 28.44 -0.55
CA LEU A 255 12.59 27.80 -0.75
C LEU A 255 13.77 28.75 -0.50
N HIS A 256 13.49 30.01 -0.19
CA HIS A 256 14.51 31.03 -0.08
C HIS A 256 15.36 30.86 1.18
N THR A 257 16.45 31.62 1.24
CA THR A 257 17.38 31.60 2.38
C THR A 257 17.91 30.18 2.65
N ASN A 258 18.19 29.46 1.56
CA ASN A 258 18.93 28.20 1.57
C ASN A 258 20.13 28.33 0.63
N PRO A 259 21.28 27.71 0.98
CA PRO A 259 22.49 27.75 0.15
C PRO A 259 22.42 26.79 -1.05
N TRP A 260 21.57 27.11 -2.03
CA TRP A 260 21.40 26.26 -3.20
C TRP A 260 22.68 26.16 -4.02
N ASP A 261 23.12 24.93 -4.25
CA ASP A 261 24.29 24.62 -5.07
C ASP A 261 23.86 24.60 -6.53
N CYS A 262 24.26 25.62 -7.28
CA CYS A 262 23.78 25.80 -8.65
C CYS A 262 24.71 25.22 -9.72
N SER A 263 25.38 24.12 -9.38
CA SER A 263 26.17 23.35 -10.34
C SER A 263 25.26 22.54 -11.25
N CYS A 264 25.62 22.42 -12.53
CA CYS A 264 24.94 21.52 -13.47
C CYS A 264 25.66 20.17 -13.50
N PRO A 265 24.89 19.05 -13.62
CA PRO A 265 23.45 18.96 -13.77
C PRO A 265 22.66 18.77 -12.46
N ARG A 266 23.27 19.09 -11.33
CA ARG A 266 22.62 18.94 -10.03
C ARG A 266 21.41 19.88 -9.86
N ILE A 267 21.54 21.11 -10.33
CA ILE A 267 20.50 22.13 -10.20
C ILE A 267 19.49 22.06 -11.34
N ASP A 268 19.69 21.13 -12.27
CA ASP A 268 18.85 20.99 -13.46
C ASP A 268 17.35 20.92 -13.18
N TYR A 269 16.92 19.89 -12.44
CA TYR A 269 15.49 19.66 -12.16
C TYR A 269 14.85 20.81 -11.37
N LEU A 270 15.53 21.30 -10.34
CA LEU A 270 15.00 22.37 -9.51
C LEU A 270 14.83 23.69 -10.28
N SER A 271 15.81 24.02 -11.12
CA SER A 271 15.75 25.24 -11.92
C SER A 271 14.57 25.19 -12.89
N ARG A 272 14.42 24.06 -13.58
CA ARG A 272 13.35 23.84 -14.55
C ARG A 272 11.96 23.83 -13.89
N TRP A 273 11.86 23.19 -12.72
CA TRP A 273 10.61 23.12 -11.99
C TRP A 273 10.18 24.51 -11.52
N LEU A 274 11.13 25.28 -11.01
CA LEU A 274 10.85 26.63 -10.55
C LEU A 274 10.44 27.55 -11.69
N ASN A 275 10.91 27.24 -12.91
CA ASN A 275 10.56 28.05 -14.07
C ASN A 275 9.20 27.66 -14.65
N LYS A 276 8.88 26.37 -14.60
CA LYS A 276 7.57 25.86 -15.03
C LYS A 276 6.49 26.20 -14.02
N ASN A 277 6.87 26.26 -12.75
CA ASN A 277 5.92 26.46 -11.65
C ASN A 277 6.20 27.78 -10.92
N SER A 278 6.49 28.82 -11.71
CA SER A 278 6.86 30.15 -11.19
C SER A 278 5.79 30.76 -10.27
N GLN A 279 4.53 30.46 -10.56
CA GLN A 279 3.41 30.96 -9.77
C GLN A 279 3.39 30.40 -8.34
N LYS A 280 4.03 29.26 -8.13
CA LYS A 280 3.99 28.59 -6.84
C LYS A 280 5.09 29.02 -5.87
N GLU A 281 6.26 29.42 -6.38
CA GLU A 281 7.36 29.85 -5.50
C GLU A 281 7.06 31.20 -4.83
N GLN A 282 7.22 31.25 -3.51
CA GLN A 282 7.03 32.49 -2.75
C GLN A 282 8.42 33.05 -2.45
N GLY A 283 8.68 34.29 -2.84
CA GLY A 283 10.03 34.84 -2.79
C GLY A 283 10.94 34.12 -3.78
N SER A 284 12.25 34.22 -3.60
CA SER A 284 13.18 33.66 -4.56
C SER A 284 14.31 32.85 -3.93
N ALA A 285 14.37 31.57 -4.25
CA ALA A 285 15.56 30.75 -4.00
C ALA A 285 16.73 31.35 -4.78
N LYS A 286 17.85 31.55 -4.10
CA LYS A 286 19.05 32.13 -4.73
C LYS A 286 20.23 31.17 -4.68
N CYS A 287 21.07 31.25 -5.71
CA CYS A 287 22.31 30.50 -5.76
C CYS A 287 23.28 31.05 -4.72
N SER A 288 23.88 30.15 -3.96
CA SER A 288 24.92 30.53 -3.01
C SER A 288 26.11 31.10 -3.78
N GLY A 289 26.72 32.14 -3.21
CA GLY A 289 27.79 32.86 -3.90
C GLY A 289 27.28 34.08 -4.64
N SER A 290 26.76 33.85 -5.85
CA SER A 290 26.35 34.94 -6.75
C SER A 290 25.06 35.65 -6.32
N GLY A 291 24.15 34.91 -5.71
CA GLY A 291 22.83 35.43 -5.36
C GLY A 291 21.87 35.45 -6.54
N LYS A 292 22.23 34.76 -7.62
CA LYS A 292 21.35 34.62 -8.78
C LYS A 292 20.15 33.74 -8.44
N PRO A 293 18.94 34.16 -8.85
CA PRO A 293 17.76 33.34 -8.63
C PRO A 293 17.90 31.98 -9.33
N VAL A 294 17.56 30.91 -8.60
CA VAL A 294 17.66 29.55 -9.11
C VAL A 294 16.83 29.34 -10.38
N ARG A 295 15.68 30.01 -10.49
CA ARG A 295 14.84 29.94 -11.69
C ARG A 295 15.52 30.47 -12.97
N SER A 296 16.52 31.34 -12.80
CA SER A 296 17.24 31.93 -13.93
C SER A 296 18.38 31.05 -14.45
N ILE A 297 18.57 29.88 -13.85
CA ILE A 297 19.63 28.97 -14.25
C ILE A 297 19.11 27.98 -15.30
N ILE A 298 19.94 27.69 -16.30
CA ILE A 298 19.62 26.68 -17.30
C ILE A 298 20.82 25.76 -17.55
N CYS A 299 20.60 24.45 -17.46
CA CYS A 299 21.63 23.47 -17.77
C CYS A 299 21.48 22.97 -19.20
N PRO A 300 22.60 22.96 -19.97
CA PRO A 300 22.59 22.50 -21.36
C PRO A 300 22.41 20.97 -21.49
N MET B 1 20.74 -22.39 -49.52
CA MET B 1 21.33 -23.22 -48.44
C MET B 1 21.28 -22.50 -47.09
N ASP B 2 22.24 -22.80 -46.22
CA ASP B 2 22.36 -22.13 -44.93
C ASP B 2 23.84 -21.90 -44.61
N PRO B 3 24.49 -21.00 -45.38
CA PRO B 3 25.95 -20.83 -45.34
C PRO B 3 26.52 -20.28 -44.02
N LEU B 4 25.70 -19.58 -43.23
CA LEU B 4 26.12 -18.95 -41.98
C LEU B 4 26.11 -19.91 -40.80
N CYS B 5 25.30 -20.96 -40.89
CA CYS B 5 25.08 -21.87 -39.77
C CYS B 5 26.12 -22.98 -39.62
N ALA B 6 25.85 -23.86 -38.67
CA ALA B 6 26.63 -25.06 -38.44
C ALA B 6 25.72 -26.12 -37.86
N ALA B 7 26.11 -27.39 -38.01
CA ALA B 7 25.32 -28.52 -37.54
C ALA B 7 25.14 -28.53 -36.02
N PRO B 8 23.93 -28.88 -35.53
CA PRO B 8 22.72 -29.18 -36.30
C PRO B 8 21.71 -28.03 -36.32
N CYS B 9 22.21 -26.80 -36.37
CA CYS B 9 21.38 -25.60 -36.26
C CYS B 9 20.84 -25.12 -37.61
N SER B 10 19.81 -24.27 -37.54
CA SER B 10 19.34 -23.54 -38.71
C SER B 10 19.41 -22.04 -38.47
N CYS B 11 19.70 -21.30 -39.55
CA CYS B 11 19.89 -19.85 -39.53
C CYS B 11 18.88 -19.18 -40.44
N ASP B 12 18.45 -17.97 -40.09
CA ASP B 12 17.36 -17.32 -40.84
C ASP B 12 17.72 -16.04 -41.63
N GLY B 13 19.02 -15.80 -41.82
CA GLY B 13 19.48 -14.63 -42.59
C GLY B 13 19.42 -13.31 -41.83
N ASP B 14 18.63 -13.29 -40.75
CA ASP B 14 18.47 -12.11 -39.90
C ASP B 14 19.41 -12.22 -38.69
N ARG B 15 20.43 -13.06 -38.84
CA ARG B 15 21.41 -13.38 -37.77
C ARG B 15 20.77 -14.04 -36.54
N ARG B 16 19.72 -14.83 -36.77
CA ARG B 16 19.08 -15.57 -35.71
C ARG B 16 19.34 -17.06 -35.89
N VAL B 17 19.76 -17.71 -34.81
CA VAL B 17 20.13 -19.13 -34.85
C VAL B 17 19.18 -19.96 -33.99
N ASP B 18 18.62 -21.01 -34.60
CA ASP B 18 17.80 -21.99 -33.88
C ASP B 18 18.56 -23.29 -33.71
N CYS B 19 18.77 -23.70 -32.47
CA CYS B 19 19.40 -24.98 -32.19
C CYS B 19 18.71 -25.68 -31.02
N SER B 20 17.41 -25.47 -30.91
CA SER B 20 16.63 -26.01 -29.82
C SER B 20 16.19 -27.46 -30.08
N GLY B 21 16.15 -28.24 -29.01
CA GLY B 21 15.67 -29.61 -29.04
C GLY B 21 16.58 -30.59 -29.78
N LYS B 22 17.90 -30.47 -29.57
CA LYS B 22 18.89 -31.26 -30.31
C LYS B 22 19.79 -32.13 -29.42
N GLY B 23 19.50 -32.19 -28.12
CA GLY B 23 20.30 -32.98 -27.19
C GLY B 23 21.72 -32.48 -26.98
N LEU B 24 21.94 -31.20 -27.26
CA LEU B 24 23.26 -30.57 -27.09
C LEU B 24 23.64 -30.48 -25.63
N THR B 25 24.90 -30.72 -25.34
CA THR B 25 25.41 -30.59 -23.98
C THR B 25 26.29 -29.36 -23.85
N ALA B 26 26.44 -28.63 -24.97
CA ALA B 26 27.31 -27.45 -25.03
C ALA B 26 26.90 -26.52 -26.16
N VAL B 27 27.32 -25.27 -26.08
CA VAL B 27 27.16 -24.30 -27.16
C VAL B 27 27.85 -24.84 -28.43
N PRO B 28 27.12 -24.88 -29.56
CA PRO B 28 27.69 -25.42 -30.80
C PRO B 28 28.80 -24.54 -31.37
N GLU B 29 29.82 -25.18 -31.92
CA GLU B 29 30.98 -24.47 -32.47
C GLU B 29 30.73 -24.11 -33.93
N GLY B 30 31.47 -23.12 -34.43
CA GLY B 30 31.40 -22.75 -35.83
C GLY B 30 30.26 -21.80 -36.21
N LEU B 31 29.56 -21.25 -35.22
CA LEU B 31 28.52 -20.25 -35.51
C LEU B 31 29.14 -18.86 -35.68
N SER B 32 28.49 -18.02 -36.47
CA SER B 32 28.98 -16.67 -36.75
C SER B 32 29.13 -15.81 -35.49
N ALA B 33 30.22 -15.07 -35.44
CA ALA B 33 30.48 -14.11 -34.36
C ALA B 33 29.47 -12.96 -34.36
N PHE B 34 28.74 -12.80 -35.47
CA PHE B 34 27.76 -11.73 -35.60
C PHE B 34 26.32 -12.12 -35.28
N THR B 35 26.15 -13.32 -34.73
CA THR B 35 24.84 -13.83 -34.31
C THR B 35 24.15 -12.89 -33.31
N GLN B 36 22.91 -12.52 -33.60
CA GLN B 36 22.13 -11.62 -32.73
C GLN B 36 21.15 -12.31 -31.80
N ALA B 37 20.70 -13.52 -32.15
CA ALA B 37 19.83 -14.29 -31.26
C ALA B 37 20.18 -15.76 -31.31
N LEU B 38 20.28 -16.38 -30.14
CA LEU B 38 20.56 -17.81 -30.03
C LEU B 38 19.49 -18.53 -29.21
N ASP B 39 18.79 -19.46 -29.87
CA ASP B 39 17.84 -20.31 -29.18
C ASP B 39 18.44 -21.71 -28.99
N ILE B 40 18.87 -21.98 -27.76
CA ILE B 40 19.42 -23.29 -27.41
C ILE B 40 18.60 -23.92 -26.29
N SER B 41 17.31 -23.61 -26.26
CA SER B 41 16.41 -24.20 -25.29
C SER B 41 16.12 -25.65 -25.65
N MET B 42 15.65 -26.41 -24.66
CA MET B 42 15.25 -27.81 -24.82
C MET B 42 16.40 -28.72 -25.21
N ASN B 43 17.58 -28.42 -24.71
CA ASN B 43 18.72 -29.30 -24.91
C ASN B 43 19.10 -30.00 -23.60
N ASN B 44 20.33 -30.50 -23.52
CA ASN B 44 20.81 -31.25 -22.35
C ASN B 44 22.02 -30.54 -21.71
N ILE B 45 21.97 -29.21 -21.66
CA ILE B 45 23.08 -28.43 -21.11
C ILE B 45 22.94 -28.39 -19.60
N THR B 46 23.91 -28.98 -18.90
CA THR B 46 23.87 -29.06 -17.44
C THR B 46 24.70 -27.96 -16.78
N GLN B 47 25.72 -27.50 -17.49
CA GLN B 47 26.60 -26.45 -17.00
C GLN B 47 27.11 -25.58 -18.13
N LEU B 48 27.33 -24.30 -17.83
CA LEU B 48 27.95 -23.38 -18.76
C LEU B 48 29.32 -22.97 -18.26
N PRO B 49 30.38 -23.43 -18.94
CA PRO B 49 31.75 -23.12 -18.53
C PRO B 49 32.15 -21.67 -18.81
N GLU B 50 33.26 -21.24 -18.25
CA GLU B 50 33.85 -19.92 -18.50
C GLU B 50 34.05 -19.67 -20.01
N GLY B 51 33.66 -18.49 -20.47
CA GLY B 51 33.80 -18.11 -21.89
C GLY B 51 32.96 -18.91 -22.88
N ALA B 52 31.81 -19.43 -22.43
CA ALA B 52 30.92 -20.20 -23.31
C ALA B 52 30.36 -19.34 -24.45
N PHE B 53 30.23 -18.03 -24.19
CA PHE B 53 29.65 -17.10 -25.16
C PHE B 53 30.62 -16.02 -25.64
N LYS B 54 31.92 -16.29 -25.50
CA LYS B 54 32.97 -15.37 -25.92
C LYS B 54 33.00 -15.15 -27.44
N ASN B 55 32.50 -16.13 -28.18
CA ASN B 55 32.40 -16.02 -29.63
C ASN B 55 31.12 -15.31 -30.12
N PHE B 56 30.32 -14.76 -29.20
CA PHE B 56 29.06 -14.06 -29.55
C PHE B 56 28.88 -12.67 -28.92
N PRO B 57 29.80 -11.72 -29.16
CA PRO B 57 29.72 -10.42 -28.47
C PRO B 57 28.50 -9.54 -28.78
N PHE B 58 27.81 -9.80 -29.90
CA PHE B 58 26.72 -8.93 -30.32
C PHE B 58 25.34 -9.55 -30.11
N LEU B 59 25.32 -10.68 -29.39
CA LEU B 59 24.08 -11.37 -29.02
C LEU B 59 23.11 -10.44 -28.27
N GLU B 60 21.86 -10.40 -28.73
CA GLU B 60 20.79 -9.62 -28.09
C GLU B 60 19.78 -10.51 -27.36
N GLU B 61 19.68 -11.76 -27.80
CA GLU B 61 18.74 -12.70 -27.20
C GLU B 61 19.37 -14.08 -26.99
N LEU B 62 19.25 -14.59 -25.78
CA LEU B 62 19.74 -15.91 -25.45
C LEU B 62 18.63 -16.71 -24.75
N GLN B 63 18.21 -17.80 -25.38
CA GLN B 63 17.21 -18.69 -24.78
C GLN B 63 17.86 -19.97 -24.32
N LEU B 64 17.77 -20.23 -23.02
CA LEU B 64 18.43 -21.38 -22.41
C LEU B 64 17.45 -22.24 -21.60
N ALA B 65 16.16 -21.94 -21.78
CA ALA B 65 15.09 -22.61 -21.07
C ALA B 65 15.06 -24.10 -21.38
N GLY B 66 14.64 -24.90 -20.41
CA GLY B 66 14.38 -26.32 -20.62
C GLY B 66 15.62 -27.16 -20.81
N ASN B 67 16.76 -26.67 -20.31
CA ASN B 67 17.92 -27.52 -20.21
C ASN B 67 17.90 -28.19 -18.84
N ASP B 68 19.03 -28.68 -18.35
CA ASP B 68 19.09 -29.16 -16.97
C ASP B 68 20.18 -28.38 -16.27
N LEU B 69 20.22 -27.08 -16.54
CA LEU B 69 21.30 -26.20 -16.12
C LEU B 69 21.26 -26.03 -14.60
N SER B 70 22.35 -26.42 -13.94
CA SER B 70 22.48 -26.32 -12.48
C SER B 70 23.66 -25.45 -12.06
N PHE B 71 24.59 -25.22 -12.98
CA PHE B 71 25.77 -24.41 -12.72
C PHE B 71 26.05 -23.46 -13.88
N ILE B 72 26.04 -22.16 -13.60
CA ILE B 72 26.57 -21.20 -14.54
C ILE B 72 27.85 -20.61 -13.93
N HIS B 73 28.95 -20.74 -14.67
CA HIS B 73 30.23 -20.16 -14.29
C HIS B 73 30.13 -18.63 -14.22
N PRO B 74 30.77 -18.04 -13.21
CA PRO B 74 30.70 -16.58 -13.04
C PRO B 74 31.11 -15.81 -14.30
N LYS B 75 31.96 -16.42 -15.13
CA LYS B 75 32.47 -15.78 -16.35
C LYS B 75 31.88 -16.34 -17.66
N ALA B 76 30.89 -17.21 -17.58
CA ALA B 76 30.25 -17.79 -18.78
C ALA B 76 29.60 -16.74 -19.70
N LEU B 77 29.08 -15.68 -19.10
CA LEU B 77 28.29 -14.69 -19.84
C LEU B 77 29.05 -13.38 -20.04
N SER B 78 30.36 -13.44 -19.86
CA SER B 78 31.25 -12.29 -20.01
C SER B 78 31.27 -11.68 -21.41
N GLY B 79 31.15 -10.36 -21.47
CA GLY B 79 31.22 -9.64 -22.74
C GLY B 79 29.92 -9.61 -23.52
N LEU B 80 28.82 -10.03 -22.88
CA LEU B 80 27.51 -9.98 -23.52
C LEU B 80 26.82 -8.65 -23.24
N LYS B 81 27.48 -7.58 -23.65
CA LYS B 81 27.09 -6.21 -23.34
C LYS B 81 25.88 -5.74 -24.16
N GLU B 82 25.48 -6.52 -25.15
CA GLU B 82 24.29 -6.19 -25.95
C GLU B 82 23.07 -7.03 -25.61
N LEU B 83 23.23 -7.99 -24.70
CA LEU B 83 22.15 -8.91 -24.36
C LEU B 83 20.96 -8.23 -23.69
N LYS B 84 19.78 -8.34 -24.32
CA LYS B 84 18.54 -7.76 -23.79
C LYS B 84 17.61 -8.79 -23.15
N VAL B 85 17.61 -10.02 -23.69
CA VAL B 85 16.73 -11.08 -23.20
C VAL B 85 17.55 -12.30 -22.79
N LEU B 86 17.35 -12.77 -21.57
CA LEU B 86 17.94 -14.02 -21.10
C LEU B 86 16.86 -14.90 -20.50
N THR B 87 16.63 -16.08 -21.09
CA THR B 87 15.62 -16.99 -20.56
C THR B 87 16.26 -18.21 -19.92
N LEU B 88 15.95 -18.45 -18.65
CA LEU B 88 16.56 -19.54 -17.91
C LEU B 88 15.54 -20.43 -17.22
N GLN B 89 14.26 -20.25 -17.55
CA GLN B 89 13.19 -21.01 -16.93
C GLN B 89 13.29 -22.51 -17.18
N ASN B 90 12.77 -23.32 -16.29
CA ASN B 90 12.72 -24.77 -16.37
C ASN B 90 14.10 -25.38 -16.44
N ASN B 91 14.96 -24.90 -15.60
CA ASN B 91 16.26 -25.50 -15.38
C ASN B 91 16.37 -26.03 -13.95
N GLN B 92 17.60 -26.23 -13.46
CA GLN B 92 17.78 -26.83 -12.13
C GLN B 92 18.59 -25.89 -11.24
N LEU B 93 18.47 -24.60 -11.50
CA LEU B 93 19.15 -23.60 -10.69
C LEU B 93 18.63 -23.65 -9.25
N LYS B 94 19.55 -23.65 -8.30
CA LYS B 94 19.19 -23.66 -6.87
C LYS B 94 19.33 -22.28 -6.22
N THR B 95 19.99 -21.38 -6.95
CA THR B 95 20.34 -20.06 -6.50
C THR B 95 20.24 -19.11 -7.70
N VAL B 96 19.84 -17.87 -7.47
CA VAL B 96 19.92 -16.84 -8.51
C VAL B 96 21.41 -16.73 -8.88
N PRO B 97 21.73 -16.82 -10.20
CA PRO B 97 23.14 -16.88 -10.59
C PRO B 97 23.76 -15.48 -10.63
N SER B 98 23.97 -14.91 -9.45
CA SER B 98 24.25 -13.48 -9.30
C SER B 98 25.54 -13.03 -9.99
N GLU B 99 26.61 -13.77 -9.76
CA GLU B 99 27.92 -13.44 -10.32
C GLU B 99 27.93 -13.52 -11.84
N ALA B 100 27.27 -14.54 -12.39
CA ALA B 100 27.19 -14.74 -13.83
C ALA B 100 26.48 -13.61 -14.58
N ILE B 101 25.49 -12.99 -13.92
CA ILE B 101 24.69 -11.94 -14.58
C ILE B 101 25.13 -10.51 -14.29
N ARG B 102 26.26 -10.35 -13.62
CA ARG B 102 26.74 -9.05 -13.16
C ARG B 102 27.03 -8.00 -14.24
N GLY B 103 27.54 -8.43 -15.39
CA GLY B 103 27.97 -7.49 -16.42
C GLY B 103 26.94 -7.16 -17.50
N LEU B 104 25.72 -7.68 -17.34
CA LEU B 104 24.70 -7.57 -18.38
C LEU B 104 23.92 -6.25 -18.29
N SER B 105 24.62 -5.15 -18.54
CA SER B 105 24.06 -3.80 -18.38
C SER B 105 22.98 -3.44 -19.41
N ALA B 106 22.84 -4.22 -20.47
CA ALA B 106 21.76 -4.02 -21.45
C ALA B 106 20.50 -4.87 -21.20
N LEU B 107 20.55 -5.76 -20.20
CA LEU B 107 19.46 -6.72 -19.97
C LEU B 107 18.11 -6.05 -19.65
N GLN B 108 17.06 -6.47 -20.36
CA GLN B 108 15.72 -5.91 -20.15
C GLN B 108 14.76 -6.96 -19.61
N SER B 109 14.95 -8.21 -20.03
CA SER B 109 14.07 -9.31 -19.64
C SER B 109 14.89 -10.48 -19.10
N LEU B 110 14.49 -10.97 -17.92
CA LEU B 110 15.17 -12.07 -17.26
C LEU B 110 14.20 -13.09 -16.66
N ARG B 111 14.19 -14.30 -17.20
CA ARG B 111 13.28 -15.35 -16.73
C ARG B 111 13.99 -16.40 -15.90
N LEU B 112 13.64 -16.48 -14.63
CA LEU B 112 14.20 -17.47 -13.70
C LEU B 112 13.13 -18.38 -13.10
N ASP B 113 11.96 -18.40 -13.72
CA ASP B 113 10.86 -19.19 -13.20
C ASP B 113 11.06 -20.68 -13.37
N ALA B 114 10.38 -21.45 -12.53
CA ALA B 114 10.40 -22.92 -12.57
C ALA B 114 11.81 -23.48 -12.55
N ASN B 115 12.63 -22.92 -11.66
CA ASN B 115 13.86 -23.55 -11.27
C ASN B 115 13.63 -24.11 -9.86
N HIS B 116 14.66 -24.26 -9.06
CA HIS B 116 14.45 -24.73 -7.71
C HIS B 116 15.18 -23.81 -6.76
N ILE B 117 15.00 -22.51 -7.00
CA ILE B 117 15.73 -21.45 -6.34
C ILE B 117 15.19 -21.25 -4.91
N THR B 118 16.07 -21.45 -3.92
CA THR B 118 15.72 -21.30 -2.50
C THR B 118 16.22 -19.96 -1.94
N SER B 119 17.19 -19.36 -2.61
CA SER B 119 17.80 -18.16 -2.08
C SER B 119 18.29 -17.24 -3.19
N VAL B 120 18.46 -15.97 -2.83
CA VAL B 120 18.95 -14.98 -3.75
C VAL B 120 20.08 -14.21 -3.06
N PRO B 121 21.31 -14.35 -3.56
CA PRO B 121 22.44 -13.66 -2.94
C PRO B 121 22.19 -12.16 -2.89
N GLU B 122 22.67 -11.51 -1.83
CA GLU B 122 22.36 -10.10 -1.56
C GLU B 122 22.74 -9.17 -2.70
N ASP B 123 23.85 -9.48 -3.37
CA ASP B 123 24.38 -8.65 -4.44
C ASP B 123 23.67 -8.84 -5.80
N SER B 124 22.68 -9.73 -5.85
CA SER B 124 22.00 -10.05 -7.11
C SER B 124 21.40 -8.82 -7.78
N PHE B 125 21.53 -8.77 -9.10
CA PHE B 125 20.86 -7.77 -9.93
C PHE B 125 21.55 -6.40 -9.94
N GLU B 126 22.62 -6.23 -9.17
CA GLU B 126 23.45 -5.03 -9.25
C GLU B 126 24.06 -4.89 -10.65
N GLY B 127 24.03 -3.67 -11.19
CA GLY B 127 24.46 -3.47 -12.57
C GLY B 127 23.44 -3.84 -13.65
N LEU B 128 22.27 -4.36 -13.25
CA LEU B 128 21.20 -4.60 -14.23
C LEU B 128 20.36 -3.33 -14.38
N VAL B 129 21.01 -2.29 -14.86
CA VAL B 129 20.44 -0.94 -14.84
C VAL B 129 19.30 -0.68 -15.84
N GLN B 130 19.07 -1.62 -16.76
CA GLN B 130 17.98 -1.47 -17.74
C GLN B 130 16.84 -2.47 -17.53
N LEU B 131 16.93 -3.32 -16.50
CA LEU B 131 15.97 -4.42 -16.37
C LEU B 131 14.52 -3.92 -16.27
N ARG B 132 13.65 -4.49 -17.09
CA ARG B 132 12.24 -4.12 -17.08
C ARG B 132 11.34 -5.24 -16.58
N HIS B 133 11.67 -6.49 -16.91
CA HIS B 133 10.83 -7.64 -16.58
C HIS B 133 11.63 -8.73 -15.86
N LEU B 134 11.10 -9.20 -14.73
CA LEU B 134 11.75 -10.25 -13.95
C LEU B 134 10.73 -11.29 -13.48
N TRP B 135 10.95 -12.52 -13.91
CA TRP B 135 10.12 -13.64 -13.53
C TRP B 135 10.85 -14.49 -12.49
N LEU B 136 10.32 -14.56 -11.28
CA LEU B 136 10.89 -15.44 -10.27
C LEU B 136 9.86 -16.43 -9.75
N ASP B 137 8.75 -16.58 -10.49
CA ASP B 137 7.67 -17.44 -10.05
C ASP B 137 8.02 -18.94 -10.10
N ASP B 138 7.25 -19.74 -9.36
CA ASP B 138 7.39 -21.19 -9.33
C ASP B 138 8.79 -21.69 -8.91
N ASN B 139 9.31 -21.08 -7.87
CA ASN B 139 10.57 -21.51 -7.25
C ASN B 139 10.28 -21.89 -5.80
N SER B 140 11.31 -21.87 -4.95
CA SER B 140 11.11 -22.19 -3.53
C SER B 140 11.53 -21.04 -2.61
N LEU B 141 11.26 -19.80 -3.00
CA LEU B 141 11.59 -18.66 -2.13
C LEU B 141 10.71 -18.65 -0.90
N THR B 142 11.32 -18.38 0.26
CA THR B 142 10.59 -18.32 1.53
C THR B 142 10.36 -16.88 2.00
N GLU B 143 11.01 -15.93 1.35
CA GLU B 143 10.78 -14.51 1.62
C GLU B 143 11.01 -13.67 0.38
N VAL B 144 10.63 -12.40 0.47
CA VAL B 144 10.93 -11.44 -0.60
C VAL B 144 12.40 -11.04 -0.50
N PRO B 145 13.14 -11.10 -1.63
CA PRO B 145 14.57 -10.73 -1.66
C PRO B 145 14.75 -9.21 -1.72
N VAL B 146 14.72 -8.58 -0.55
CA VAL B 146 14.60 -7.13 -0.42
C VAL B 146 15.79 -6.33 -0.99
N HIS B 147 17.01 -6.68 -0.58
CA HIS B 147 18.16 -5.92 -1.07
C HIS B 147 18.44 -6.09 -2.58
N PRO B 148 18.37 -7.34 -3.10
CA PRO B 148 18.51 -7.52 -4.55
C PRO B 148 17.50 -6.68 -5.39
N LEU B 149 16.24 -6.60 -4.96
CA LEU B 149 15.19 -5.83 -5.64
C LEU B 149 15.38 -4.31 -5.56
N SER B 150 16.04 -3.84 -4.51
CA SER B 150 16.37 -2.43 -4.35
C SER B 150 17.38 -1.94 -5.41
N ASN B 151 17.99 -2.89 -6.14
CA ASN B 151 18.89 -2.56 -7.23
C ASN B 151 18.17 -2.29 -8.56
N LEU B 152 16.85 -2.44 -8.60
CA LEU B 152 16.13 -2.42 -9.87
C LEU B 152 15.07 -1.33 -10.02
N PRO B 153 15.48 -0.04 -9.97
CA PRO B 153 14.47 1.02 -10.04
C PRO B 153 13.79 1.16 -11.42
N THR B 154 14.36 0.55 -12.45
CA THR B 154 13.70 0.57 -13.76
C THR B 154 12.65 -0.55 -13.93
N LEU B 155 12.60 -1.51 -13.01
CA LEU B 155 11.69 -2.66 -13.15
C LEU B 155 10.23 -2.27 -13.34
N GLN B 156 9.56 -2.89 -14.31
CA GLN B 156 8.14 -2.64 -14.57
C GLN B 156 7.22 -3.81 -14.24
N ALA B 157 7.71 -5.03 -14.46
CA ALA B 157 6.93 -6.23 -14.20
C ALA B 157 7.71 -7.19 -13.33
N LEU B 158 7.08 -7.61 -12.23
CA LEU B 158 7.67 -8.59 -11.32
C LEU B 158 6.66 -9.68 -10.95
N THR B 159 7.05 -10.93 -11.11
CA THR B 159 6.27 -12.00 -10.48
C THR B 159 7.12 -12.80 -9.47
N LEU B 160 6.55 -12.96 -8.27
CA LEU B 160 7.09 -13.82 -7.22
C LEU B 160 6.06 -14.87 -6.85
N ALA B 161 5.11 -15.07 -7.77
CA ALA B 161 4.02 -16.04 -7.60
C ALA B 161 4.51 -17.49 -7.47
N LEU B 162 3.68 -18.35 -6.90
CA LEU B 162 3.97 -19.78 -6.79
C LEU B 162 5.28 -20.08 -6.05
N ASN B 163 5.58 -19.29 -5.02
CA ASN B 163 6.70 -19.57 -4.15
C ASN B 163 6.15 -19.98 -2.76
N LYS B 164 6.93 -19.79 -1.70
CA LYS B 164 6.53 -20.16 -0.34
C LYS B 164 6.69 -18.97 0.64
N ILE B 165 6.39 -17.78 0.16
CA ILE B 165 6.51 -16.57 0.96
C ILE B 165 5.34 -16.52 1.95
N SER B 166 5.65 -16.30 3.23
CA SER B 166 4.63 -16.26 4.28
C SER B 166 4.34 -14.87 4.85
N SER B 167 5.30 -13.96 4.71
CA SER B 167 5.15 -12.59 5.22
C SER B 167 5.95 -11.60 4.42
N ILE B 168 5.53 -10.33 4.46
CA ILE B 168 6.24 -9.27 3.77
C ILE B 168 6.46 -8.09 4.73
N PRO B 169 7.73 -7.71 4.97
CA PRO B 169 8.03 -6.65 5.95
C PRO B 169 7.91 -5.24 5.36
N ASP B 170 7.93 -4.22 6.22
CA ASP B 170 7.88 -2.82 5.81
C ASP B 170 8.94 -2.51 4.73
N PHE B 171 8.57 -1.69 3.75
CA PHE B 171 9.50 -1.15 2.73
C PHE B 171 10.18 -2.21 1.84
N ALA B 172 9.57 -3.39 1.73
CA ALA B 172 10.11 -4.48 0.94
C ALA B 172 10.34 -4.17 -0.55
N PHE B 173 9.55 -3.24 -1.10
CA PHE B 173 9.66 -2.92 -2.53
C PHE B 173 9.96 -1.44 -2.75
N THR B 174 10.59 -0.81 -1.78
CA THR B 174 10.63 0.65 -1.72
C THR B 174 11.31 1.39 -2.90
N ASN B 175 12.26 0.74 -3.57
CA ASN B 175 12.96 1.37 -4.70
C ASN B 175 12.36 1.04 -6.06
N LEU B 176 11.24 0.31 -6.06
CA LEU B 176 10.64 -0.14 -7.31
C LEU B 176 9.65 0.90 -7.84
N SER B 177 10.13 2.10 -8.12
CA SER B 177 9.27 3.24 -8.44
C SER B 177 8.63 3.18 -9.83
N SER B 178 9.16 2.34 -10.71
CA SER B 178 8.63 2.16 -12.05
C SER B 178 7.70 0.96 -12.17
N LEU B 179 7.58 0.20 -11.09
CA LEU B 179 6.85 -1.08 -11.13
C LEU B 179 5.37 -0.89 -11.47
N VAL B 180 4.89 -1.67 -12.44
CA VAL B 180 3.50 -1.54 -12.92
C VAL B 180 2.65 -2.73 -12.49
N VAL B 181 3.23 -3.93 -12.54
CA VAL B 181 2.54 -5.14 -12.14
C VAL B 181 3.38 -5.95 -11.15
N LEU B 182 2.72 -6.47 -10.12
CA LEU B 182 3.35 -7.28 -9.08
C LEU B 182 2.46 -8.48 -8.81
N HIS B 183 2.97 -9.68 -9.09
CA HIS B 183 2.23 -10.91 -8.81
C HIS B 183 2.79 -11.62 -7.58
N LEU B 184 1.92 -11.84 -6.60
CA LEU B 184 2.31 -12.52 -5.36
C LEU B 184 1.31 -13.63 -5.02
N HIS B 185 0.52 -14.02 -6.02
CA HIS B 185 -0.49 -15.05 -5.84
C HIS B 185 0.09 -16.45 -5.67
N ASN B 186 -0.68 -17.33 -5.03
CA ASN B 186 -0.25 -18.71 -4.74
C ASN B 186 1.05 -18.78 -3.93
N ASN B 187 1.13 -17.93 -2.91
CA ASN B 187 2.17 -18.07 -1.92
C ASN B 187 1.51 -18.56 -0.62
N LYS B 188 2.14 -18.31 0.53
CA LYS B 188 1.57 -18.73 1.82
C LYS B 188 1.44 -17.50 2.71
N ILE B 189 1.10 -16.37 2.10
CA ILE B 189 1.16 -15.10 2.82
C ILE B 189 0.04 -15.00 3.84
N ARG B 190 0.44 -14.89 5.10
CA ARG B 190 -0.49 -14.78 6.22
C ARG B 190 -0.44 -13.40 6.86
N SER B 191 0.69 -12.71 6.70
CA SER B 191 0.84 -11.35 7.24
C SER B 191 1.49 -10.38 6.29
N LEU B 192 0.84 -9.25 6.10
CA LEU B 192 1.39 -8.14 5.35
C LEU B 192 1.56 -7.00 6.34
N SER B 193 2.78 -6.48 6.45
CA SER B 193 3.02 -5.35 7.34
C SER B 193 2.37 -4.08 6.79
N GLN B 194 2.10 -3.12 7.67
CA GLN B 194 1.38 -1.88 7.33
C GLN B 194 1.96 -1.06 6.19
N HIS B 195 3.28 -1.12 6.03
CA HIS B 195 3.97 -0.30 5.04
C HIS B 195 4.78 -1.14 4.04
N CYS B 196 4.34 -2.37 3.82
CA CYS B 196 5.07 -3.31 2.96
C CYS B 196 5.09 -2.89 1.48
N PHE B 197 4.09 -2.11 1.05
CA PHE B 197 4.00 -1.64 -0.33
C PHE B 197 4.38 -0.17 -0.53
N ASP B 198 4.98 0.46 0.49
CA ASP B 198 5.41 1.86 0.39
C ASP B 198 6.42 2.05 -0.75
N GLY B 199 6.24 3.10 -1.55
CA GLY B 199 7.14 3.41 -2.64
C GLY B 199 6.71 2.85 -3.99
N LEU B 200 5.54 2.21 -4.03
CA LEU B 200 5.04 1.65 -5.29
C LEU B 200 4.04 2.59 -5.98
N ASP B 201 4.54 3.77 -6.33
CA ASP B 201 3.71 4.88 -6.78
C ASP B 201 3.11 4.67 -8.18
N ASN B 202 3.73 3.80 -8.97
CA ASN B 202 3.24 3.53 -10.31
C ASN B 202 2.51 2.21 -10.46
N LEU B 203 2.33 1.47 -9.36
CA LEU B 203 1.71 0.13 -9.42
C LEU B 203 0.25 0.18 -9.87
N GLU B 204 -0.05 -0.52 -10.96
CA GLU B 204 -1.41 -0.57 -11.52
C GLU B 204 -2.13 -1.87 -11.19
N THR B 205 -1.37 -2.94 -11.04
CA THR B 205 -1.92 -4.29 -10.85
C THR B 205 -1.22 -4.98 -9.68
N LEU B 206 -2.01 -5.43 -8.72
CA LEU B 206 -1.52 -6.20 -7.59
C LEU B 206 -2.31 -7.49 -7.43
N ASP B 207 -1.61 -8.62 -7.45
CA ASP B 207 -2.27 -9.91 -7.26
C ASP B 207 -1.84 -10.60 -5.97
N LEU B 208 -2.78 -10.69 -5.03
CA LEU B 208 -2.56 -11.30 -3.70
C LEU B 208 -3.47 -12.50 -3.46
N ASN B 209 -4.08 -12.99 -4.52
CA ASN B 209 -5.03 -14.07 -4.40
C ASN B 209 -4.36 -15.43 -4.17
N TYR B 210 -5.15 -16.43 -3.77
CA TYR B 210 -4.63 -17.73 -3.37
C TYR B 210 -3.49 -17.64 -2.35
N ASN B 211 -3.74 -16.88 -1.29
CA ASN B 211 -2.82 -16.83 -0.17
C ASN B 211 -3.52 -17.23 1.14
N ASN B 212 -2.97 -16.85 2.28
CA ASN B 212 -3.56 -17.22 3.55
C ASN B 212 -3.84 -15.98 4.40
N LEU B 213 -4.29 -14.92 3.74
CA LEU B 213 -4.51 -13.65 4.42
C LEU B 213 -5.75 -13.73 5.29
N GLY B 214 -5.57 -13.48 6.59
CA GLY B 214 -6.66 -13.49 7.56
C GLY B 214 -7.11 -12.10 7.94
N GLU B 215 -6.23 -11.12 7.75
CA GLU B 215 -6.51 -9.72 8.01
C GLU B 215 -6.37 -8.94 6.73
N PHE B 216 -7.22 -7.94 6.53
CA PHE B 216 -7.16 -7.13 5.33
C PHE B 216 -5.86 -6.31 5.26
N PRO B 217 -5.16 -6.32 4.12
CA PRO B 217 -3.89 -5.59 3.94
C PRO B 217 -4.04 -4.08 3.82
N GLN B 218 -3.97 -3.39 4.94
CA GLN B 218 -4.08 -1.93 4.97
C GLN B 218 -2.97 -1.24 4.19
N ALA B 219 -1.93 -2.00 3.88
CA ALA B 219 -0.83 -1.53 3.05
C ALA B 219 -1.24 -1.09 1.64
N ILE B 220 -2.43 -1.48 1.19
CA ILE B 220 -2.91 -1.07 -0.15
C ILE B 220 -3.32 0.40 -0.23
N LYS B 221 -3.45 1.08 0.91
CA LYS B 221 -3.71 2.52 0.94
C LYS B 221 -2.55 3.34 0.35
N ALA B 222 -1.37 2.73 0.32
CA ALA B 222 -0.16 3.41 -0.18
C ALA B 222 0.00 3.37 -1.70
N LEU B 223 -1.05 2.96 -2.41
CA LEU B 223 -0.99 2.72 -3.86
C LEU B 223 -1.91 3.61 -4.67
N PRO B 224 -1.43 4.80 -5.08
CA PRO B 224 -2.28 5.79 -5.76
C PRO B 224 -2.64 5.49 -7.24
N SER B 225 -1.88 4.62 -7.90
CA SER B 225 -2.15 4.29 -9.30
C SER B 225 -2.95 2.99 -9.49
N LEU B 226 -3.30 2.32 -8.40
CA LEU B 226 -3.86 0.97 -8.41
C LEU B 226 -5.16 0.86 -9.24
N LYS B 227 -5.14 0.01 -10.26
CA LYS B 227 -6.32 -0.22 -11.12
C LYS B 227 -6.98 -1.58 -10.87
N GLU B 228 -6.15 -2.60 -10.62
CA GLU B 228 -6.62 -3.98 -10.49
C GLU B 228 -6.07 -4.60 -9.20
N LEU B 229 -6.96 -5.06 -8.34
CA LEU B 229 -6.59 -5.62 -7.04
C LEU B 229 -7.27 -6.96 -6.85
N ALA B 230 -6.49 -8.02 -6.72
CA ALA B 230 -7.04 -9.37 -6.54
C ALA B 230 -6.75 -9.88 -5.15
N LEU B 231 -7.81 -10.15 -4.40
CA LEU B 231 -7.72 -10.60 -3.02
C LEU B 231 -8.61 -11.81 -2.79
N ASP B 232 -9.10 -12.38 -3.89
CA ASP B 232 -9.95 -13.58 -3.81
C ASP B 232 -9.20 -14.78 -3.25
N THR B 233 -9.94 -15.77 -2.75
CA THR B 233 -9.36 -17.03 -2.27
C THR B 233 -8.31 -16.81 -1.16
N ASN B 234 -8.70 -16.06 -0.15
CA ASN B 234 -7.93 -15.92 1.08
C ASN B 234 -8.80 -16.33 2.27
N GLN B 235 -8.52 -15.81 3.47
CA GLN B 235 -9.37 -16.10 4.63
C GLN B 235 -9.91 -14.81 5.25
N LEU B 236 -10.23 -13.85 4.39
CA LEU B 236 -10.71 -12.53 4.81
C LEU B 236 -12.16 -12.56 5.30
N LYS B 237 -12.40 -11.88 6.42
CA LYS B 237 -13.73 -11.83 7.06
C LYS B 237 -14.34 -10.44 7.03
N SER B 238 -13.49 -9.42 7.01
CA SER B 238 -13.92 -8.02 7.02
C SER B 238 -12.94 -7.07 6.32
N VAL B 239 -13.40 -5.85 6.11
CA VAL B 239 -12.55 -4.76 5.63
C VAL B 239 -12.63 -3.61 6.63
N PRO B 240 -11.55 -2.82 6.78
CA PRO B 240 -11.64 -1.64 7.63
C PRO B 240 -12.54 -0.61 6.95
N ASP B 241 -13.35 0.08 7.73
CA ASP B 241 -14.24 1.12 7.18
C ASP B 241 -13.42 2.16 6.42
N GLY B 242 -13.94 2.58 5.26
CA GLY B 242 -13.30 3.64 4.48
C GLY B 242 -12.03 3.24 3.75
N ILE B 243 -11.75 1.94 3.73
CA ILE B 243 -10.50 1.43 3.13
C ILE B 243 -10.30 1.82 1.66
N PHE B 244 -11.37 1.81 0.88
CA PHE B 244 -11.28 2.12 -0.56
C PHE B 244 -11.44 3.60 -0.90
N ASP B 245 -11.61 4.47 0.10
CA ASP B 245 -11.88 5.90 -0.11
C ASP B 245 -10.87 6.61 -1.01
N ARG B 246 -9.59 6.35 -0.80
CA ARG B 246 -8.51 7.03 -1.54
C ARG B 246 -8.04 6.25 -2.78
N LEU B 247 -8.65 5.10 -3.02
CA LEU B 247 -8.31 4.31 -4.19
C LEU B 247 -9.24 4.68 -5.35
N THR B 248 -9.12 5.92 -5.83
CA THR B 248 -9.98 6.42 -6.89
C THR B 248 -9.77 5.67 -8.19
N SER B 249 -8.50 5.46 -8.54
CA SER B 249 -8.13 4.78 -9.79
C SER B 249 -8.59 3.32 -9.94
N LEU B 250 -9.14 2.72 -8.89
CA LEU B 250 -9.57 1.32 -8.93
C LEU B 250 -10.60 1.05 -10.03
N GLN B 251 -10.34 0.03 -10.85
CA GLN B 251 -11.26 -0.36 -11.92
C GLN B 251 -11.84 -1.76 -11.72
N LYS B 252 -11.02 -2.67 -11.20
CA LYS B 252 -11.45 -4.05 -11.00
C LYS B 252 -10.94 -4.54 -9.67
N ILE B 253 -11.80 -5.24 -8.94
CA ILE B 253 -11.45 -5.85 -7.67
C ILE B 253 -12.02 -7.27 -7.61
N TRP B 254 -11.24 -8.19 -7.08
CA TRP B 254 -11.66 -9.57 -6.88
C TRP B 254 -11.68 -9.81 -5.38
N LEU B 255 -12.87 -10.17 -4.87
CA LEU B 255 -13.08 -10.37 -3.43
C LEU B 255 -13.79 -11.71 -3.13
N HIS B 256 -14.10 -12.46 -4.17
CA HIS B 256 -14.79 -13.73 -4.04
C HIS B 256 -13.97 -14.81 -3.35
N THR B 257 -14.64 -15.88 -2.92
CA THR B 257 -13.99 -17.02 -2.27
C THR B 257 -13.24 -16.56 -1.00
N ASN B 258 -13.88 -15.67 -0.24
CA ASN B 258 -13.47 -15.33 1.13
C ASN B 258 -14.67 -15.54 2.08
N PRO B 259 -14.42 -15.99 3.33
CA PRO B 259 -15.50 -16.16 4.32
C PRO B 259 -15.94 -14.84 4.98
N TRP B 260 -16.59 -13.96 4.22
CA TRP B 260 -17.04 -12.67 4.71
C TRP B 260 -18.08 -12.77 5.83
N ASP B 261 -17.79 -12.11 6.95
CA ASP B 261 -18.71 -12.06 8.09
C ASP B 261 -19.76 -11.00 7.82
N CYS B 262 -20.99 -11.45 7.57
CA CYS B 262 -22.08 -10.53 7.21
C CYS B 262 -22.95 -10.07 8.38
N SER B 263 -22.37 -9.96 9.56
CA SER B 263 -23.03 -9.32 10.71
C SER B 263 -23.09 -7.81 10.52
N CYS B 264 -24.21 -7.21 10.94
CA CYS B 264 -24.34 -5.75 11.02
C CYS B 264 -23.91 -5.30 12.42
N PRO B 265 -23.31 -4.09 12.53
CA PRO B 265 -22.98 -3.15 11.46
C PRO B 265 -21.63 -3.43 10.79
N ARG B 266 -21.01 -4.55 11.14
CA ARG B 266 -19.67 -4.88 10.65
C ARG B 266 -19.58 -4.88 9.10
N ILE B 267 -20.57 -5.47 8.44
CA ILE B 267 -20.58 -5.61 6.98
C ILE B 267 -21.17 -4.38 6.27
N ASP B 268 -21.54 -3.35 7.01
CA ASP B 268 -22.18 -2.17 6.43
C ASP B 268 -21.35 -1.48 5.35
N TYR B 269 -20.12 -1.09 5.67
CA TYR B 269 -19.26 -0.40 4.70
C TYR B 269 -19.03 -1.21 3.42
N LEU B 270 -18.62 -2.47 3.57
CA LEU B 270 -18.35 -3.32 2.39
C LEU B 270 -19.60 -3.56 1.54
N SER B 271 -20.74 -3.84 2.18
CA SER B 271 -21.97 -4.13 1.46
C SER B 271 -22.45 -2.91 0.66
N ARG B 272 -22.36 -1.73 1.26
CA ARG B 272 -22.70 -0.48 0.59
C ARG B 272 -21.71 -0.13 -0.53
N TRP B 273 -20.42 -0.34 -0.28
CA TRP B 273 -19.41 -0.04 -1.30
C TRP B 273 -19.57 -0.95 -2.52
N LEU B 274 -19.80 -2.24 -2.27
CA LEU B 274 -20.02 -3.20 -3.34
C LEU B 274 -21.28 -2.91 -4.15
N ASN B 275 -22.35 -2.50 -3.47
CA ASN B 275 -23.57 -2.10 -4.16
C ASN B 275 -23.36 -0.88 -5.06
N LYS B 276 -22.67 0.14 -4.54
CA LYS B 276 -22.41 1.37 -5.28
C LYS B 276 -21.38 1.19 -6.41
N ASN B 277 -20.40 0.34 -6.18
CA ASN B 277 -19.30 0.13 -7.13
C ASN B 277 -19.35 -1.24 -7.81
N SER B 278 -20.57 -1.68 -8.14
CA SER B 278 -20.79 -3.03 -8.66
C SER B 278 -20.12 -3.26 -10.02
N GLN B 279 -19.89 -2.20 -10.78
CA GLN B 279 -19.13 -2.31 -12.03
C GLN B 279 -17.68 -2.73 -11.78
N LYS B 280 -17.19 -2.54 -10.54
CA LYS B 280 -15.79 -2.86 -10.21
C LYS B 280 -15.59 -4.30 -9.75
N GLU B 281 -16.57 -4.84 -9.02
CA GLU B 281 -16.47 -6.20 -8.50
C GLU B 281 -16.47 -7.22 -9.63
N GLN B 282 -15.46 -8.08 -9.65
CA GLN B 282 -15.40 -9.18 -10.60
C GLN B 282 -15.78 -10.45 -9.86
N GLY B 283 -16.76 -11.18 -10.37
CA GLY B 283 -17.41 -12.25 -9.60
C GLY B 283 -18.19 -11.67 -8.42
N SER B 284 -18.48 -12.50 -7.42
CA SER B 284 -19.26 -12.04 -6.27
C SER B 284 -18.72 -12.53 -4.92
N ALA B 285 -18.40 -11.58 -4.07
CA ALA B 285 -18.15 -11.83 -2.65
C ALA B 285 -19.44 -12.31 -2.01
N LYS B 286 -19.33 -13.30 -1.14
CA LYS B 286 -20.49 -13.96 -0.56
C LYS B 286 -20.33 -14.15 0.94
N CYS B 287 -21.44 -14.08 1.66
CA CYS B 287 -21.47 -14.29 3.10
C CYS B 287 -21.16 -15.74 3.40
N SER B 288 -20.27 -15.97 4.37
CA SER B 288 -20.03 -17.33 4.86
C SER B 288 -21.30 -17.85 5.52
N GLY B 289 -21.48 -19.16 5.48
CA GLY B 289 -22.71 -19.77 5.95
C GLY B 289 -23.75 -19.77 4.86
N SER B 290 -24.43 -18.64 4.68
CA SER B 290 -25.62 -18.56 3.83
C SER B 290 -25.29 -18.47 2.34
N GLY B 291 -24.17 -17.83 2.01
CA GLY B 291 -23.78 -17.64 0.63
C GLY B 291 -24.49 -16.49 -0.06
N LYS B 292 -25.16 -15.64 0.73
CA LYS B 292 -25.78 -14.42 0.20
C LYS B 292 -24.72 -13.45 -0.36
N PRO B 293 -24.92 -12.95 -1.59
CA PRO B 293 -23.95 -11.99 -2.12
C PRO B 293 -23.88 -10.75 -1.24
N VAL B 294 -22.66 -10.36 -0.89
CA VAL B 294 -22.44 -9.25 0.05
C VAL B 294 -23.07 -7.93 -0.43
N ARG B 295 -23.09 -7.71 -1.75
CA ARG B 295 -23.61 -6.47 -2.33
C ARG B 295 -25.12 -6.29 -2.16
N SER B 296 -25.82 -7.35 -1.78
CA SER B 296 -27.27 -7.27 -1.63
C SER B 296 -27.70 -7.15 -0.18
N ILE B 297 -26.74 -7.20 0.74
CA ILE B 297 -26.99 -7.00 2.17
C ILE B 297 -27.28 -5.52 2.49
N ILE B 298 -28.34 -5.28 3.24
CA ILE B 298 -28.68 -3.95 3.73
C ILE B 298 -28.70 -3.99 5.26
N CYS B 299 -27.81 -3.23 5.88
CA CYS B 299 -27.81 -3.10 7.33
C CYS B 299 -28.84 -2.06 7.76
N PRO B 300 -29.53 -2.31 8.89
CA PRO B 300 -30.50 -1.36 9.47
C PRO B 300 -29.87 -0.01 9.79
N THR B 301 -30.67 1.05 9.69
CA THR B 301 -30.22 2.45 9.83
C THR B 301 -28.99 2.76 8.96
N CYS C 20 -4.92 -34.25 -26.49
CA CYS C 20 -4.47 -34.42 -25.07
C CYS C 20 -5.30 -33.62 -24.09
N LEU C 21 -5.40 -34.12 -22.86
CA LEU C 21 -6.24 -33.53 -21.82
C LEU C 21 -5.48 -33.38 -20.50
N LYS C 22 -4.31 -34.02 -20.43
CA LYS C 22 -3.52 -34.08 -19.21
C LYS C 22 -2.04 -34.21 -19.60
N CYS C 23 -1.27 -33.15 -19.34
CA CYS C 23 0.16 -33.13 -19.65
C CYS C 23 1.03 -33.57 -18.48
N SER C 24 2.33 -33.65 -18.73
CA SER C 24 3.32 -33.92 -17.69
C SER C 24 3.39 -32.74 -16.72
N PRO C 25 3.72 -33.00 -15.43
CA PRO C 25 3.78 -31.97 -14.38
C PRO C 25 4.83 -30.87 -14.62
N LYS C 26 4.97 -30.44 -15.87
CA LYS C 26 5.92 -29.39 -16.24
C LYS C 26 5.54 -28.71 -17.56
N LEU C 27 4.74 -29.41 -18.37
CA LEU C 27 4.40 -28.95 -19.72
C LEU C 27 3.18 -28.03 -19.73
N PHE C 28 3.05 -27.28 -20.82
CA PHE C 28 1.94 -26.35 -21.01
C PHE C 28 0.95 -26.88 -22.04
N ILE C 29 -0.33 -26.75 -21.73
CA ILE C 29 -1.37 -27.21 -22.63
C ILE C 29 -1.86 -26.07 -23.53
N LEU C 30 -1.93 -26.37 -24.83
CA LEU C 30 -2.41 -25.42 -25.82
C LEU C 30 -3.69 -25.92 -26.51
N LEU C 31 -4.70 -25.05 -26.53
CA LEU C 31 -5.97 -25.29 -27.21
C LEU C 31 -6.04 -24.47 -28.50
N GLU C 32 -5.71 -25.08 -29.62
CA GLU C 32 -5.79 -24.36 -30.91
C GLU C 32 -7.03 -24.73 -31.73
N ARG C 33 -7.81 -23.70 -32.05
CA ARG C 33 -9.02 -23.81 -32.85
C ARG C 33 -8.65 -23.74 -34.33
N ASN C 34 -9.20 -24.63 -35.14
CA ASN C 34 -8.87 -24.67 -36.57
C ASN C 34 -9.89 -25.34 -37.48
N ASP C 35 -10.49 -26.43 -37.00
CA ASP C 35 -11.49 -27.17 -37.77
C ASP C 35 -12.75 -27.45 -36.94
N ILE C 36 -13.32 -28.64 -37.12
CA ILE C 36 -14.52 -29.08 -36.40
C ILE C 36 -14.36 -28.99 -34.87
N ARG C 37 -13.24 -29.52 -34.37
CA ARG C 37 -13.01 -29.61 -32.92
C ARG C 37 -11.72 -28.89 -32.47
N GLN C 38 -11.69 -28.51 -31.20
CA GLN C 38 -10.47 -28.02 -30.58
C GLN C 38 -9.74 -29.16 -29.91
N VAL C 39 -8.42 -29.21 -30.09
CA VAL C 39 -7.61 -30.30 -29.54
C VAL C 39 -6.53 -29.76 -28.61
N GLY C 40 -6.38 -30.42 -27.46
CA GLY C 40 -5.33 -30.09 -26.51
C GLY C 40 -4.00 -30.69 -26.90
N VAL C 41 -2.95 -29.87 -26.88
CA VAL C 41 -1.60 -30.32 -27.23
C VAL C 41 -0.58 -29.84 -26.19
N CYS C 42 0.35 -30.73 -25.83
CA CYS C 42 1.36 -30.43 -24.81
C CYS C 42 2.62 -29.81 -25.41
N LEU C 43 3.08 -28.74 -24.79
CA LEU C 43 4.26 -28.02 -25.21
C LEU C 43 5.14 -27.72 -23.99
N PRO C 44 6.47 -27.64 -24.20
CA PRO C 44 7.36 -27.24 -23.11
C PRO C 44 7.28 -25.74 -22.84
N SER C 45 6.91 -24.98 -23.86
CA SER C 45 6.78 -23.54 -23.79
C SER C 45 5.79 -23.08 -24.86
N CYS C 46 5.11 -21.97 -24.59
CA CYS C 46 4.03 -21.50 -25.45
C CYS C 46 4.55 -20.67 -26.65
N PRO C 47 3.85 -20.76 -27.81
CA PRO C 47 4.21 -20.03 -29.03
C PRO C 47 3.99 -18.51 -28.93
N PRO C 48 4.38 -17.74 -29.97
CA PRO C 48 4.17 -16.29 -29.98
C PRO C 48 2.69 -15.88 -30.00
N GLY C 49 2.37 -14.81 -29.28
CA GLY C 49 0.99 -14.36 -29.13
C GLY C 49 0.31 -15.07 -27.97
N TYR C 50 1.04 -16.01 -27.36
CA TYR C 50 0.58 -16.73 -26.18
C TYR C 50 1.57 -16.49 -25.04
N PHE C 51 1.07 -16.43 -23.81
CA PHE C 51 1.95 -16.43 -22.66
C PHE C 51 1.74 -17.68 -21.81
N ASP C 52 2.80 -18.06 -21.08
CA ASP C 52 2.81 -19.23 -20.21
C ASP C 52 2.06 -18.92 -18.94
N ALA C 53 0.96 -19.61 -18.70
CA ALA C 53 0.22 -19.39 -17.47
C ALA C 53 0.38 -20.59 -16.55
N ARG C 54 1.17 -20.39 -15.49
CA ARG C 54 1.46 -21.46 -14.53
C ARG C 54 0.37 -21.59 -13.50
N ASN C 55 -0.02 -22.84 -13.28
CA ASN C 55 -1.14 -23.19 -12.40
C ASN C 55 -0.76 -24.49 -11.71
N PRO C 56 -1.02 -24.60 -10.39
CA PRO C 56 -0.66 -25.83 -9.66
C PRO C 56 -1.40 -27.10 -10.13
N ASP C 57 -2.48 -26.93 -10.89
CA ASP C 57 -3.28 -28.06 -11.39
C ASP C 57 -2.98 -28.37 -12.86
N MET C 58 -3.06 -27.37 -13.73
CA MET C 58 -2.59 -27.48 -15.11
C MET C 58 -2.08 -26.17 -15.73
N ASN C 59 -0.82 -26.21 -16.17
CA ASN C 59 -0.20 -25.11 -16.89
C ASN C 59 -0.82 -24.96 -18.26
N LYS C 60 -1.08 -23.73 -18.68
CA LYS C 60 -1.68 -23.51 -19.99
C LYS C 60 -1.11 -22.34 -20.80
N CYS C 61 -1.23 -22.49 -22.10
CA CYS C 61 -0.90 -21.42 -23.02
C CYS C 61 -2.14 -20.56 -23.16
N ILE C 62 -1.99 -19.28 -22.84
CA ILE C 62 -3.11 -18.35 -22.92
C ILE C 62 -2.78 -17.23 -23.89
N LYS C 63 -3.71 -17.00 -24.83
CA LYS C 63 -3.60 -15.92 -25.81
C LYS C 63 -3.47 -14.55 -25.15
N CYS C 64 -2.43 -13.80 -25.50
CA CYS C 64 -2.36 -12.39 -25.12
C CYS C 64 -3.50 -11.68 -25.84
N LYS C 65 -4.28 -10.89 -25.10
CA LYS C 65 -5.40 -10.17 -25.71
C LYS C 65 -5.13 -8.67 -25.90
N ILE C 66 -4.01 -8.19 -25.39
CA ILE C 66 -3.62 -6.78 -25.54
C ILE C 66 -3.48 -6.41 -27.00
N GLU C 67 -4.09 -5.27 -27.36
CA GLU C 67 -4.12 -4.79 -28.74
C GLU C 67 -2.72 -4.42 -29.21
N HIS C 68 -2.35 -4.96 -30.38
CA HIS C 68 -1.05 -4.74 -31.01
C HIS C 68 0.11 -5.41 -30.28
N CYS C 69 -0.19 -6.28 -29.32
CA CYS C 69 0.86 -6.99 -28.57
C CYS C 69 1.43 -8.13 -29.40
N GLU C 70 2.73 -8.35 -29.28
CA GLU C 70 3.39 -9.48 -29.96
C GLU C 70 3.99 -10.47 -28.95
N ALA C 71 4.29 -9.98 -27.75
CA ALA C 71 4.75 -10.84 -26.65
C ALA C 71 4.34 -10.20 -25.33
N CYS C 72 3.87 -11.01 -24.40
CA CYS C 72 3.35 -10.45 -23.18
C CYS C 72 3.88 -11.12 -21.92
N PHE C 73 3.89 -10.35 -20.83
CA PHE C 73 4.33 -10.82 -19.53
C PHE C 73 3.14 -11.52 -18.88
N SER C 74 1.97 -10.91 -19.03
CA SER C 74 0.72 -11.40 -18.45
C SER C 74 -0.41 -10.88 -19.33
N HIS C 75 -1.65 -11.18 -18.94
CA HIS C 75 -2.80 -10.80 -19.74
C HIS C 75 -2.98 -9.29 -19.94
N ASN C 76 -2.51 -8.48 -19.00
CA ASN C 76 -2.59 -7.02 -19.17
C ASN C 76 -1.26 -6.28 -19.28
N PHE C 77 -0.15 -7.01 -19.48
CA PHE C 77 1.15 -6.37 -19.60
C PHE C 77 1.93 -6.90 -20.80
N CYS C 78 2.11 -6.03 -21.79
CA CYS C 78 2.84 -6.34 -23.01
C CYS C 78 4.35 -6.06 -22.86
N THR C 79 5.18 -6.91 -23.44
CA THR C 79 6.65 -6.71 -23.42
C THR C 79 7.26 -6.33 -24.78
N LYS C 80 6.46 -6.45 -25.85
CA LYS C 80 6.90 -6.10 -27.19
C LYS C 80 5.68 -5.80 -28.04
N CYS C 81 5.61 -4.57 -28.54
CA CYS C 81 4.49 -4.12 -29.39
C CYS C 81 4.79 -4.30 -30.86
N LYS C 82 3.73 -4.34 -31.65
CA LYS C 82 3.81 -4.25 -33.11
C LYS C 82 4.76 -3.10 -33.48
N GLU C 83 5.63 -3.36 -34.45
CA GLU C 83 6.58 -2.39 -34.97
C GLU C 83 5.87 -1.11 -35.43
N GLY C 84 6.37 0.04 -34.97
CA GLY C 84 5.77 1.33 -35.29
C GLY C 84 4.97 1.92 -34.14
N LEU C 85 4.53 1.05 -33.23
CA LEU C 85 3.73 1.48 -32.10
C LEU C 85 4.58 1.73 -30.85
N TYR C 86 4.03 2.48 -29.92
CA TYR C 86 4.74 2.88 -28.71
C TYR C 86 4.32 2.04 -27.51
N LEU C 87 5.30 1.40 -26.87
CA LEU C 87 5.06 0.60 -25.67
C LEU C 87 5.19 1.48 -24.44
N HIS C 88 4.12 1.63 -23.68
CA HIS C 88 4.12 2.44 -22.46
C HIS C 88 3.43 1.71 -21.31
N LYS C 89 4.20 1.40 -20.27
CA LYS C 89 3.71 0.65 -19.10
C LYS C 89 2.90 -0.59 -19.47
N GLY C 90 3.45 -1.42 -20.35
CA GLY C 90 2.82 -2.67 -20.75
C GLY C 90 1.68 -2.58 -21.77
N ARG C 91 1.49 -1.40 -22.35
CA ARG C 91 0.40 -1.18 -23.29
C ARG C 91 0.88 -0.47 -24.56
N CYS C 92 0.21 -0.75 -25.68
CA CYS C 92 0.65 -0.32 -27.01
C CYS C 92 -0.20 0.83 -27.52
N TYR C 93 0.44 1.94 -27.88
CA TYR C 93 -0.26 3.14 -28.31
C TYR C 93 0.22 3.62 -29.68
N PRO C 94 -0.72 4.11 -30.52
CA PRO C 94 -0.37 4.74 -31.80
C PRO C 94 0.43 6.02 -31.59
N ALA C 95 0.14 6.76 -30.52
CA ALA C 95 0.85 7.99 -30.19
C ALA C 95 1.42 7.96 -28.78
N CYS C 96 2.59 8.56 -28.59
CA CYS C 96 3.22 8.59 -27.26
C CYS C 96 2.31 9.35 -26.28
N PRO C 97 1.90 8.69 -25.17
CA PRO C 97 1.01 9.29 -24.19
C PRO C 97 1.77 10.26 -23.28
N GLY D 19 -34.67 -11.33 10.40
CA GLY D 19 -34.33 -10.85 9.03
C GLY D 19 -35.56 -10.71 8.16
N CYS D 20 -35.46 -11.17 6.91
CA CYS D 20 -36.59 -11.13 5.98
C CYS D 20 -37.51 -12.31 6.30
N LEU D 21 -38.82 -12.07 6.26
CA LEU D 21 -39.82 -13.04 6.69
C LEU D 21 -40.50 -13.76 5.54
N LYS D 22 -40.67 -13.06 4.42
CA LYS D 22 -41.21 -13.66 3.18
C LYS D 22 -40.41 -13.21 1.96
N CYS D 23 -40.01 -14.18 1.15
CA CYS D 23 -39.18 -13.91 -0.03
C CYS D 23 -40.01 -13.60 -1.28
N SER D 24 -39.33 -13.15 -2.32
CA SER D 24 -39.97 -12.95 -3.62
C SER D 24 -40.50 -14.28 -4.13
N PRO D 25 -41.66 -14.27 -4.81
CA PRO D 25 -42.32 -15.51 -5.26
C PRO D 25 -41.48 -16.36 -6.22
N LYS D 26 -40.52 -17.09 -5.68
CA LYS D 26 -39.66 -18.01 -6.43
C LYS D 26 -38.44 -18.41 -5.61
N LEU D 27 -38.07 -17.56 -4.65
CA LEU D 27 -36.83 -17.73 -3.89
C LEU D 27 -37.05 -18.50 -2.60
N PHE D 28 -35.98 -18.73 -1.86
CA PHE D 28 -36.01 -19.62 -0.73
C PHE D 28 -35.56 -18.93 0.54
N ILE D 29 -36.27 -19.19 1.63
CA ILE D 29 -35.87 -18.70 2.94
C ILE D 29 -34.96 -19.71 3.64
N LEU D 30 -33.84 -19.19 4.14
CA LEU D 30 -32.93 -19.95 4.97
C LEU D 30 -32.98 -19.41 6.41
N LEU D 31 -33.24 -20.30 7.35
CA LEU D 31 -33.33 -19.92 8.76
C LEU D 31 -32.00 -20.11 9.45
N GLU D 32 -31.59 -19.10 10.22
CA GLU D 32 -30.32 -19.12 10.95
C GLU D 32 -30.54 -18.79 12.42
N ARG D 33 -29.74 -19.40 13.28
CA ARG D 33 -29.70 -19.04 14.70
C ARG D 33 -28.27 -18.68 15.14
N ASN D 34 -27.60 -17.85 14.35
CA ASN D 34 -26.25 -17.37 14.65
C ASN D 34 -26.22 -16.53 15.91
N ASP D 35 -27.35 -15.89 16.20
CA ASP D 35 -27.56 -15.18 17.45
C ASP D 35 -28.22 -16.13 18.46
N ILE D 36 -28.99 -15.57 19.38
CA ILE D 36 -29.90 -16.33 20.22
C ILE D 36 -31.33 -15.98 19.74
N ARG D 37 -31.38 -15.38 18.55
CA ARG D 37 -32.63 -15.08 17.86
C ARG D 37 -32.66 -15.86 16.55
N GLN D 38 -33.86 -16.05 16.02
CA GLN D 38 -34.04 -16.71 14.73
C GLN D 38 -34.07 -15.68 13.60
N VAL D 39 -33.10 -15.79 12.69
CA VAL D 39 -32.98 -14.86 11.57
C VAL D 39 -33.18 -15.59 10.26
N GLY D 40 -34.04 -15.04 9.41
CA GLY D 40 -34.22 -15.55 8.05
C GLY D 40 -33.40 -14.76 7.04
N VAL D 41 -33.05 -15.42 5.94
CA VAL D 41 -32.40 -14.75 4.83
C VAL D 41 -32.93 -15.33 3.52
N CYS D 42 -33.15 -14.47 2.53
CA CYS D 42 -33.70 -14.88 1.23
C CYS D 42 -32.62 -15.23 0.23
N LEU D 43 -32.82 -16.35 -0.49
CA LEU D 43 -31.81 -16.89 -1.41
C LEU D 43 -32.41 -17.42 -2.71
N PRO D 44 -31.67 -17.25 -3.84
CA PRO D 44 -32.10 -17.82 -5.13
C PRO D 44 -31.93 -19.34 -5.21
N SER D 45 -30.85 -19.84 -4.59
CA SER D 45 -30.63 -21.27 -4.40
C SER D 45 -30.51 -21.53 -2.89
N CYS D 46 -29.79 -22.57 -2.52
CA CYS D 46 -29.54 -22.88 -1.12
C CYS D 46 -28.08 -23.31 -0.96
N PRO D 47 -27.49 -23.07 0.23
CA PRO D 47 -26.08 -23.45 0.43
C PRO D 47 -25.84 -24.96 0.38
N PRO D 48 -24.56 -25.38 0.31
CA PRO D 48 -24.25 -26.82 0.28
C PRO D 48 -24.72 -27.54 1.53
N GLY D 49 -25.23 -28.75 1.37
CA GLY D 49 -25.80 -29.49 2.48
C GLY D 49 -27.29 -29.24 2.60
N TYR D 50 -27.81 -28.34 1.75
CA TYR D 50 -29.22 -27.97 1.75
C TYR D 50 -29.85 -28.23 0.39
N PHE D 51 -31.16 -28.40 0.39
CA PHE D 51 -31.91 -28.43 -0.86
C PHE D 51 -33.08 -27.45 -0.86
N ASP D 52 -33.44 -27.01 -2.06
CA ASP D 52 -34.59 -26.16 -2.34
C ASP D 52 -35.92 -26.90 -2.20
N ALA D 53 -36.60 -26.73 -1.07
CA ALA D 53 -37.92 -27.37 -0.91
C ALA D 53 -38.99 -26.40 -1.35
N ARG D 54 -39.62 -26.70 -2.47
CA ARG D 54 -40.66 -25.84 -3.01
C ARG D 54 -41.98 -26.19 -2.34
N ASN D 55 -42.75 -25.15 -2.05
CA ASN D 55 -43.97 -25.27 -1.28
C ASN D 55 -45.00 -24.32 -1.89
N PRO D 56 -46.31 -24.60 -1.72
CA PRO D 56 -47.30 -23.62 -2.13
C PRO D 56 -47.24 -22.35 -1.28
N ASP D 57 -46.97 -22.50 0.02
CA ASP D 57 -46.97 -21.38 0.95
C ASP D 57 -45.63 -20.63 1.01
N MET D 58 -44.55 -21.35 1.31
CA MET D 58 -43.22 -20.74 1.40
C MET D 58 -42.09 -21.69 1.01
N ASN D 59 -41.31 -21.30 0.00
CA ASN D 59 -40.14 -22.06 -0.40
C ASN D 59 -38.99 -21.90 0.61
N LYS D 60 -38.44 -23.01 1.07
CA LYS D 60 -37.34 -22.95 2.03
C LYS D 60 -36.16 -23.86 1.77
N CYS D 61 -35.02 -23.47 2.33
CA CYS D 61 -33.82 -24.30 2.34
C CYS D 61 -33.92 -25.27 3.52
N ILE D 62 -33.70 -26.54 3.23
CA ILE D 62 -33.77 -27.61 4.21
C ILE D 62 -32.54 -28.49 4.11
N LYS D 63 -31.95 -28.83 5.27
CA LYS D 63 -30.77 -29.73 5.35
C LYS D 63 -31.06 -31.07 4.71
N CYS D 64 -30.14 -31.57 3.91
CA CYS D 64 -30.25 -32.95 3.42
C CYS D 64 -30.06 -33.89 4.62
N LYS D 65 -30.79 -35.00 4.63
CA LYS D 65 -30.69 -36.01 5.70
C LYS D 65 -29.63 -37.07 5.46
N ILE D 66 -29.02 -37.06 4.28
CA ILE D 66 -27.92 -37.97 3.96
C ILE D 66 -26.61 -37.43 4.55
N GLU D 67 -25.92 -38.26 5.33
CA GLU D 67 -24.63 -37.90 5.93
C GLU D 67 -23.57 -37.66 4.85
N HIS D 68 -22.86 -36.54 4.98
CA HIS D 68 -21.79 -36.12 4.08
C HIS D 68 -22.27 -35.81 2.65
N CYS D 69 -23.52 -35.39 2.52
CA CYS D 69 -24.06 -34.98 1.21
C CYS D 69 -23.86 -33.48 0.99
N GLU D 70 -23.31 -33.11 -0.16
CA GLU D 70 -23.05 -31.71 -0.50
C GLU D 70 -24.16 -31.05 -1.35
N ALA D 71 -24.79 -31.83 -2.22
CA ALA D 71 -25.98 -31.38 -2.95
C ALA D 71 -26.95 -32.55 -2.98
N CYS D 72 -28.24 -32.25 -2.90
CA CYS D 72 -29.24 -33.31 -2.88
C CYS D 72 -30.47 -32.97 -3.72
N PHE D 73 -31.18 -34.00 -4.16
CA PHE D 73 -32.42 -33.89 -4.90
C PHE D 73 -33.58 -33.66 -3.93
N SER D 74 -33.62 -34.49 -2.89
CA SER D 74 -34.58 -34.39 -1.80
C SER D 74 -33.83 -34.78 -0.54
N HIS D 75 -34.53 -34.80 0.59
CA HIS D 75 -33.89 -35.04 1.88
C HIS D 75 -33.19 -36.39 2.00
N ASN D 76 -33.66 -37.40 1.27
CA ASN D 76 -33.10 -38.74 1.33
C ASN D 76 -32.42 -39.20 0.03
N PHE D 77 -32.14 -38.25 -0.86
CA PHE D 77 -31.50 -38.58 -2.13
C PHE D 77 -30.43 -37.55 -2.52
N CYS D 78 -29.19 -37.97 -2.43
CA CYS D 78 -28.02 -37.15 -2.70
C CYS D 78 -27.66 -37.18 -4.18
N THR D 79 -27.17 -36.06 -4.69
CA THR D 79 -26.66 -35.95 -6.06
C THR D 79 -25.16 -35.65 -6.09
N LYS D 80 -24.58 -35.35 -4.94
CA LYS D 80 -23.15 -35.04 -4.85
C LYS D 80 -22.64 -35.31 -3.45
N CYS D 81 -21.77 -36.31 -3.33
CA CYS D 81 -21.19 -36.68 -2.03
C CYS D 81 -19.89 -35.91 -1.78
N LYS D 82 -19.48 -35.87 -0.51
CA LYS D 82 -18.19 -35.30 -0.11
C LYS D 82 -17.05 -36.01 -0.86
N GLU D 83 -16.02 -35.24 -1.26
CA GLU D 83 -14.86 -35.81 -1.97
C GLU D 83 -14.29 -36.98 -1.18
N GLY D 84 -14.08 -38.10 -1.87
CA GLY D 84 -13.59 -39.32 -1.27
C GLY D 84 -14.67 -40.38 -1.08
N LEU D 85 -15.92 -39.97 -1.21
CA LEU D 85 -17.06 -40.88 -1.03
C LEU D 85 -17.67 -41.25 -2.38
N TYR D 86 -18.53 -42.27 -2.36
CA TYR D 86 -19.09 -42.85 -3.56
C TYR D 86 -20.61 -42.78 -3.52
N LEU D 87 -21.16 -42.21 -4.57
CA LEU D 87 -22.60 -42.06 -4.70
C LEU D 87 -23.21 -43.31 -5.33
N HIS D 88 -24.22 -43.84 -4.66
CA HIS D 88 -24.97 -44.97 -5.17
C HIS D 88 -26.45 -44.90 -4.77
N LYS D 89 -27.32 -44.77 -5.75
CA LYS D 89 -28.78 -44.68 -5.54
C LYS D 89 -29.16 -43.62 -4.52
N GLY D 90 -28.50 -42.46 -4.62
CA GLY D 90 -28.79 -41.32 -3.77
C GLY D 90 -28.18 -41.35 -2.39
N ARG D 91 -27.28 -42.30 -2.13
CA ARG D 91 -26.62 -42.46 -0.84
C ARG D 91 -25.10 -42.47 -0.96
N CYS D 92 -24.43 -42.05 0.10
CA CYS D 92 -22.98 -41.90 0.11
C CYS D 92 -22.34 -43.08 0.82
N TYR D 93 -21.32 -43.65 0.20
CA TYR D 93 -20.61 -44.80 0.71
C TYR D 93 -19.12 -44.54 0.77
N PRO D 94 -18.42 -45.14 1.76
CA PRO D 94 -16.98 -44.97 1.85
C PRO D 94 -16.21 -45.77 0.80
N ALA D 95 -16.88 -46.73 0.17
CA ALA D 95 -16.31 -47.50 -0.95
C ALA D 95 -17.43 -47.90 -1.89
N CYS D 96 -17.10 -48.16 -3.16
CA CYS D 96 -18.10 -48.56 -4.16
C CYS D 96 -18.84 -49.84 -3.74
N PRO D 97 -20.19 -49.80 -3.71
CA PRO D 97 -21.07 -50.93 -3.35
C PRO D 97 -21.22 -51.99 -4.44
#